data_1OB7
# 
_entry.id   1OB7 
# 
_audit_conform.dict_name       mmcif_pdbx.dic 
_audit_conform.dict_version    5.403 
_audit_conform.dict_location   http://mmcif.pdb.org/dictionaries/ascii/mmcif_pdbx.dic 
# 
loop_
_database_2.database_id 
_database_2.database_code 
_database_2.pdbx_database_accession 
_database_2.pdbx_DOI 
PDB   1OB7         pdb_00001ob7 10.2210/pdb1ob7/pdb 
PDBE  EBI-12027    ?            ?                   
WWPDB D_1290012027 ?            ?                   
# 
loop_
_pdbx_audit_revision_history.ordinal 
_pdbx_audit_revision_history.data_content_type 
_pdbx_audit_revision_history.major_revision 
_pdbx_audit_revision_history.minor_revision 
_pdbx_audit_revision_history.revision_date 
_pdbx_audit_revision_history.part_number 
1 'Structure model' 1 0 2003-12-11 ? 
2 'Structure model' 1 1 2011-07-13 ? 
3 'Structure model' 1 2 2012-11-30 ? 
4 'Structure model' 1 3 2018-05-30 ? 
5 'Structure model' 1 4 2019-05-22 ? 
6 'Structure model' 1 5 2025-04-09 ? 
# 
_pdbx_audit_revision_details.ordinal             1 
_pdbx_audit_revision_details.revision_ordinal    1 
_pdbx_audit_revision_details.data_content_type   'Structure model' 
_pdbx_audit_revision_details.provider            repository 
_pdbx_audit_revision_details.type                'Initial release' 
_pdbx_audit_revision_details.description         ? 
_pdbx_audit_revision_details.details             ? 
# 
loop_
_pdbx_audit_revision_group.ordinal 
_pdbx_audit_revision_group.revision_ordinal 
_pdbx_audit_revision_group.data_content_type 
_pdbx_audit_revision_group.group 
1  2 'Structure model' 'Atomic model'              
2  2 'Structure model' 'Database references'       
3  2 'Structure model' 'Derived calculations'      
4  2 'Structure model' 'Structure summary'         
5  2 'Structure model' 'Version format compliance' 
6  3 'Structure model' Other                       
7  4 'Structure model' 'Data collection'           
8  5 'Structure model' 'Data collection'           
9  5 'Structure model' 'Derived calculations'      
10 5 'Structure model' 'Refinement description'    
11 5 'Structure model' 'Structure summary'         
12 6 'Structure model' 'Data collection'           
13 6 'Structure model' 'Database references'       
14 6 'Structure model' 'Derived calculations'      
15 6 'Structure model' Other                       
16 6 'Structure model' 'Structure summary'         
# 
loop_
_pdbx_audit_revision_category.ordinal 
_pdbx_audit_revision_category.revision_ordinal 
_pdbx_audit_revision_category.data_content_type 
_pdbx_audit_revision_category.category 
1  4 'Structure model' diffrn_detector           
2  5 'Structure model' chem_comp                 
3  5 'Structure model' refine                    
4  5 'Structure model' struct_conn               
5  6 'Structure model' chem_comp_atom            
6  6 'Structure model' chem_comp_bond            
7  6 'Structure model' database_2                
8  6 'Structure model' pdbx_database_status      
9  6 'Structure model' pdbx_entry_details        
10 6 'Structure model' pdbx_modification_feature 
11 6 'Structure model' pdbx_struct_conn_angle    
12 6 'Structure model' struct_conn               
13 6 'Structure model' struct_site               
# 
loop_
_pdbx_audit_revision_item.ordinal 
_pdbx_audit_revision_item.revision_ordinal 
_pdbx_audit_revision_item.data_content_type 
_pdbx_audit_revision_item.item 
1  4 'Structure model' '_diffrn_detector.type'                        
2  5 'Structure model' '_chem_comp.pdbx_synonyms'                     
3  5 'Structure model' '_refine.pdbx_ls_cross_valid_method'           
4  5 'Structure model' '_struct_conn.pdbx_leaving_atom_flag'          
5  6 'Structure model' '_database_2.pdbx_DOI'                         
6  6 'Structure model' '_database_2.pdbx_database_accession'          
7  6 'Structure model' '_pdbx_database_status.status_code_sf'         
8  6 'Structure model' '_pdbx_entry_details.has_protein_modification' 
9  6 'Structure model' '_pdbx_struct_conn_angle.ptnr1_auth_seq_id'    
10 6 'Structure model' '_pdbx_struct_conn_angle.ptnr3_auth_seq_id'    
11 6 'Structure model' '_pdbx_struct_conn_angle.value'                
12 6 'Structure model' '_struct_conn.conn_type_id'                    
13 6 'Structure model' '_struct_conn.id'                              
14 6 'Structure model' '_struct_conn.pdbx_dist_value'                 
15 6 'Structure model' '_struct_conn.pdbx_leaving_atom_flag'          
16 6 'Structure model' '_struct_conn.pdbx_ptnr1_label_alt_id'         
17 6 'Structure model' '_struct_conn.pdbx_ptnr2_label_alt_id'         
18 6 'Structure model' '_struct_conn.ptnr1_auth_comp_id'              
19 6 'Structure model' '_struct_conn.ptnr1_auth_seq_id'               
20 6 'Structure model' '_struct_conn.ptnr1_label_asym_id'             
21 6 'Structure model' '_struct_conn.ptnr1_label_atom_id'             
22 6 'Structure model' '_struct_conn.ptnr1_label_comp_id'             
23 6 'Structure model' '_struct_conn.ptnr1_label_seq_id'              
24 6 'Structure model' '_struct_conn.ptnr2_auth_comp_id'              
25 6 'Structure model' '_struct_conn.ptnr2_auth_seq_id'               
26 6 'Structure model' '_struct_conn.ptnr2_label_asym_id'             
27 6 'Structure model' '_struct_conn.ptnr2_label_atom_id'             
28 6 'Structure model' '_struct_conn.ptnr2_label_comp_id'             
29 6 'Structure model' '_struct_conn.ptnr2_label_seq_id'              
30 6 'Structure model' '_struct_site.pdbx_auth_asym_id'               
31 6 'Structure model' '_struct_site.pdbx_auth_comp_id'               
32 6 'Structure model' '_struct_site.pdbx_auth_seq_id'                
# 
_pdbx_database_status.status_code                     REL 
_pdbx_database_status.entry_id                        1OB7 
_pdbx_database_status.deposit_site                    PDBE 
_pdbx_database_status.process_site                    PDBE 
_pdbx_database_status.SG_entry                        . 
_pdbx_database_status.recvd_initial_deposition_date   2003-01-24 
_pdbx_database_status.pdb_format_compatible           Y 
_pdbx_database_status.status_code_sf                  REL 
_pdbx_database_status.status_code_mr                  ? 
_pdbx_database_status.status_code_cs                  ? 
_pdbx_database_status.methods_development_category    ? 
_pdbx_database_status.status_code_nmr_data            ? 
# 
loop_
_pdbx_database_related.db_name 
_pdbx_database_related.db_id 
_pdbx_database_related.content_type 
_pdbx_database_related.details 
PDB 1M24 unspecified 'CRYSTAL STRUCTURE OF THE PEPTAIBOL TRICHOTOXIN_A50E'                       
PDB 1R9U unspecified 'SOLUTION STRUCTURE OF THE PEPTAIBOL ZERVAMICIN IIB IN METHANOL'            
PDB 1DLZ unspecified 'SOLUTION STRUCTURE OF THE PEPTIABOL ZERVAMICIN IIB'                        
PDB 1IH9 unspecified 'SOLUTION STRUCTURE OF THE PEPTAIBOL ZERVAMICIN IIB BOUND TO DPC MICELLES'  
PDB 1GQ0 unspecified 'SOLUTION STRUCTURE OF THE PEPTAIBOL ANTIAMOEBIN I'                         
PDB 1JOH unspecified 'CRYSTAL STRUCTURE OF THE PEPTAIBOL ANTIAMOEBIN I'                          
PDB 1AMT unspecified 'CRYSTAL STRUCTURE OF THE PEPTAIBOL ALAMETHICIN'                            
PDB 1EE7 unspecified 'SOLUTION STRUCTURE OF THE PEPTAIBOL CHRYSOSPERMIN C BOUND TO DPC MICELLES' 
PDB 1OB6 unspecified 'CRYSTAL STRUCTURE OF THE PEPTAIBOL CEPHAIBOL B'                            
PDB 1OB4 unspecified 'CRYSTAL STRUCTURE OF THE PEPTAIBOL CEPHAIBOL A'                            
# 
loop_
_audit_author.name 
_audit_author.pdbx_ordinal 
_audit_author.identifier_ORCID 
'Bunkoczi, G.'    1 ? 
'Schiell, M.'     2 ? 
'Vertesy, L.'     3 ? 
'Sheldrick, G.M.' 4 ? 
# 
_citation.id                        primary 
_citation.title                     'Crystal Structures of Cephaibols' 
_citation.journal_abbrev            J.Pept.Sci. 
_citation.journal_volume            9 
_citation.page_first                745 
_citation.page_last                 ? 
_citation.year                      2003 
_citation.journal_id_ASTM           JPSIEI 
_citation.country                   UK 
_citation.journal_id_ISSN           1075-2617 
_citation.journal_id_CSD            1225 
_citation.book_publisher            ? 
_citation.pdbx_database_id_PubMed   14658793 
_citation.pdbx_database_id_DOI      10.1002/PSC.496 
# 
loop_
_citation_author.citation_id 
_citation_author.name 
_citation_author.ordinal 
_citation_author.identifier_ORCID 
primary 'Bunkoczi, G.'    1 ? 
primary 'Schiell, M.'     2 ? 
primary 'Vertesy, L.'     3 ? 
primary 'Sheldrick, G.M.' 4 ? 
# 
loop_
_entity.id 
_entity.type 
_entity.src_method 
_entity.pdbx_description 
_entity.formula_weight 
_entity.pdbx_number_of_molecules 
_entity.pdbx_ec 
_entity.pdbx_mutation 
_entity.pdbx_fragment 
_entity.details 
1 polymer     nat 'CEPHAIBOL C' 1654.991 1  ? ? ? ? 
2 non-polymer syn ETHANOL       46.068   2  ? ? ? ? 
3 non-polymer syn 'SODIUM ION'  22.990   1  ? ? ? ? 
4 water       nat water         18.015   11 ? ? ? ? 
# 
_entity_poly.entity_id                      1 
_entity_poly.type                           'polypeptide(L)' 
_entity_poly.nstd_linkage                   no 
_entity_poly.nstd_monomer                   yes 
_entity_poly.pdbx_seq_one_letter_code       '(ACE)F(AIB)(AIB)(AIB)(AIB)GL(DIV)(AIB)(HYP)Q(DIV)(HYP)(AIB)P(PHL)' 
_entity_poly.pdbx_seq_one_letter_code_can   XFAAAAGLVAPQVPAPF 
_entity_poly.pdbx_strand_id                 A 
_entity_poly.pdbx_target_identifier         ? 
# 
loop_
_pdbx_entity_nonpoly.entity_id 
_pdbx_entity_nonpoly.name 
_pdbx_entity_nonpoly.comp_id 
2 ETHANOL      EOH 
3 'SODIUM ION' NA  
4 water        HOH 
# 
loop_
_entity_poly_seq.entity_id 
_entity_poly_seq.num 
_entity_poly_seq.mon_id 
_entity_poly_seq.hetero 
1 1  ACE n 
1 2  PHE n 
1 3  AIB n 
1 4  AIB n 
1 5  AIB n 
1 6  AIB n 
1 7  GLY n 
1 8  LEU n 
1 9  DIV n 
1 10 AIB n 
1 11 HYP n 
1 12 GLN n 
1 13 DIV y 
1 13 AIB y 
1 14 HYP n 
1 15 AIB n 
1 16 PRO n 
1 17 PHL n 
# 
_entity_src_nat.entity_id                  1 
_entity_src_nat.pdbx_src_id                1 
_entity_src_nat.pdbx_alt_source_flag       sample 
_entity_src_nat.pdbx_beg_seq_num           ? 
_entity_src_nat.pdbx_end_seq_num           ? 
_entity_src_nat.common_name                ? 
_entity_src_nat.pdbx_organism_scientific   'ACREMONIUM TUBAKII' 
_entity_src_nat.pdbx_ncbi_taxonomy_id      146077 
_entity_src_nat.genus                      ? 
_entity_src_nat.species                    ? 
_entity_src_nat.strain                     ? 
_entity_src_nat.tissue                     ? 
_entity_src_nat.tissue_fraction            ? 
_entity_src_nat.pdbx_secretion             ? 
_entity_src_nat.pdbx_fragment              ? 
_entity_src_nat.pdbx_variant               ? 
_entity_src_nat.pdbx_cell_line             ? 
_entity_src_nat.pdbx_atcc                  ? 
_entity_src_nat.pdbx_cellular_location     ? 
_entity_src_nat.pdbx_organ                 ? 
_entity_src_nat.pdbx_organelle             ? 
_entity_src_nat.pdbx_cell                  ? 
_entity_src_nat.pdbx_plasmid_name          ? 
_entity_src_nat.pdbx_plasmid_details       ? 
_entity_src_nat.details                    ? 
# 
loop_
_chem_comp.id 
_chem_comp.type 
_chem_comp.mon_nstd_flag 
_chem_comp.name 
_chem_comp.pdbx_synonyms 
_chem_comp.formula 
_chem_comp.formula_weight 
ACE non-polymer         . 'ACETYL GROUP'               ?                              'C2 H4 O'      44.053  
AIB 'L-peptide linking' n 'ALPHA-AMINOISOBUTYRIC ACID' ?                              'C4 H9 N O2'   103.120 
DIV 'D-peptide linking' . D-ISOVALINE                  ?                              'C5 H11 N O2'  117.146 
EOH non-polymer         . ETHANOL                      ?                              'C2 H6 O'      46.068  
GLN 'L-peptide linking' y GLUTAMINE                    ?                              'C5 H10 N2 O3' 146.144 
GLY 'peptide linking'   y GLYCINE                      ?                              'C2 H5 N O2'   75.067  
HOH non-polymer         . WATER                        ?                              'H2 O'         18.015  
HYP 'L-peptide linking' n 4-HYDROXYPROLINE             HYDROXYPROLINE                 'C5 H9 N O3'   131.130 
LEU 'L-peptide linking' y LEUCINE                      ?                              'C6 H13 N O2'  131.173 
NA  non-polymer         . 'SODIUM ION'                 ?                              'Na 1'         22.990  
PHE 'L-peptide linking' y PHENYLALANINE                ?                              'C9 H11 N O2'  165.189 
PHL 'L-peptide linking' n L-PHENYLALANINOL             'bound form of Phenylalaninal' 'C9 H13 N O'   151.206 
PRO 'L-peptide linking' y PROLINE                      ?                              'C5 H9 N O2'   115.130 
# 
loop_
_pdbx_poly_seq_scheme.asym_id 
_pdbx_poly_seq_scheme.entity_id 
_pdbx_poly_seq_scheme.seq_id 
_pdbx_poly_seq_scheme.mon_id 
_pdbx_poly_seq_scheme.ndb_seq_num 
_pdbx_poly_seq_scheme.pdb_seq_num 
_pdbx_poly_seq_scheme.auth_seq_num 
_pdbx_poly_seq_scheme.pdb_mon_id 
_pdbx_poly_seq_scheme.auth_mon_id 
_pdbx_poly_seq_scheme.pdb_strand_id 
_pdbx_poly_seq_scheme.pdb_ins_code 
_pdbx_poly_seq_scheme.hetero 
A 1 1  ACE 1  0  0  ACE ACE A . n 
A 1 2  PHE 2  1  1  PHE PHE A . n 
A 1 3  AIB 3  2  2  AIB AIB A . n 
A 1 4  AIB 4  3  3  AIB AIB A . n 
A 1 5  AIB 5  4  4  AIB AIB A . n 
A 1 6  AIB 6  5  5  AIB AIB A . n 
A 1 7  GLY 7  6  6  GLY GLY A . n 
A 1 8  LEU 8  7  7  LEU LEU A . n 
A 1 9  DIV 9  8  8  DIV DIV A . n 
A 1 10 AIB 10 9  9  AIB AIB A . n 
A 1 11 HYP 11 10 10 HYP HYP A . n 
A 1 12 GLN 12 11 11 GLN GLN A . n 
A 1 13 DIV 13 12 12 DIV DIV A . y 
A 1 13 AIB 13 12 12 AIB AIB A . y 
A 1 14 HYP 14 13 13 HYP HYP A . n 
A 1 15 AIB 15 14 14 AIB AIB A . n 
A 1 16 PRO 16 15 15 PRO PRO A . n 
A 1 17 PHL 17 16 16 PHL PHL A . n 
# 
loop_
_pdbx_nonpoly_scheme.asym_id 
_pdbx_nonpoly_scheme.entity_id 
_pdbx_nonpoly_scheme.mon_id 
_pdbx_nonpoly_scheme.ndb_seq_num 
_pdbx_nonpoly_scheme.pdb_seq_num 
_pdbx_nonpoly_scheme.auth_seq_num 
_pdbx_nonpoly_scheme.pdb_mon_id 
_pdbx_nonpoly_scheme.auth_mon_id 
_pdbx_nonpoly_scheme.pdb_strand_id 
_pdbx_nonpoly_scheme.pdb_ins_code 
B 2 EOH 1  18   18   EOH EOH A . 
C 2 EOH 1  19   19   EOH EOH A . 
D 3 NA  1  20   20   NA  NA  A . 
E 4 HOH 1  2001 2001 HOH HOH A . 
E 4 HOH 2  2002 2002 HOH HOH A . 
E 4 HOH 3  2003 2003 HOH HOH A . 
E 4 HOH 4  2004 2004 HOH HOH A . 
E 4 HOH 5  2005 2005 HOH HOH A . 
E 4 HOH 6  2006 2006 HOH HOH A . 
E 4 HOH 7  2007 2007 HOH HOH A . 
E 4 HOH 8  2008 2008 HOH HOH A . 
E 4 HOH 9  2009 2009 HOH HOH A . 
E 4 HOH 10 2010 2010 HOH HOH A . 
E 4 HOH 11 2011 2011 HOH HOH A . 
# 
loop_
_software.name 
_software.classification 
_software.version 
_software.citation_id 
_software.pdbx_ordinal 
_software.date 
_software.type 
_software.location 
_software.language 
SHELXL-97 refinement       . ? 1 ? ? ? ? 
SAINT     'data reduction' . ? 2 ? ? ? ? 
SADABS    'data scaling'   . ? 3 ? ? ? ? 
SHELXD    phasing          . ? 4 ? ? ? ? 
# 
_cell.entry_id           1OB7 
_cell.length_a           9.002 
_cell.length_b           28.619 
_cell.length_c           41.100 
_cell.angle_alpha        90.00 
_cell.angle_beta         90.00 
_cell.angle_gamma        90.00 
_cell.Z_PDB              4 
_cell.pdbx_unique_axis   ? 
# 
_symmetry.entry_id                         1OB7 
_symmetry.space_group_name_H-M             'P 21 21 21' 
_symmetry.pdbx_full_space_group_name_H-M   ? 
_symmetry.cell_setting                     ? 
_symmetry.Int_Tables_number                19 
# 
_exptl.entry_id          1OB7 
_exptl.method            'X-RAY DIFFRACTION' 
_exptl.crystals_number   1 
# 
_exptl_crystal.id                    1 
_exptl_crystal.density_meas          ? 
_exptl_crystal.density_Matthews      1.60 
_exptl_crystal.density_percent_sol   23 
_exptl_crystal.description           ? 
# 
_exptl_crystal_grow.crystal_id      1 
_exptl_crystal_grow.method          ? 
_exptl_crystal_grow.temp            ? 
_exptl_crystal_grow.temp_details    ? 
_exptl_crystal_grow.pH              4.60 
_exptl_crystal_grow.pdbx_pH_range   ? 
_exptl_crystal_grow.pdbx_details    '0.1 M NAAC/HAC PH=4.60, 38% ETOH' 
# 
_diffrn.id                     1 
_diffrn.ambient_temp           100.0 
_diffrn.ambient_temp_details   ? 
_diffrn.crystal_id             1 
# 
_diffrn_detector.diffrn_id              1 
_diffrn_detector.detector               CCD 
_diffrn_detector.type                   'BRUKER SMART 6000' 
_diffrn_detector.pdbx_collection_date   2002-05-15 
_diffrn_detector.details                MIRRORS 
# 
_diffrn_radiation.diffrn_id                        1 
_diffrn_radiation.wavelength_id                    1 
_diffrn_radiation.pdbx_monochromatic_or_laue_m_l   M 
_diffrn_radiation.monochromator                    ? 
_diffrn_radiation.pdbx_diffrn_protocol             'SINGLE WAVELENGTH' 
_diffrn_radiation.pdbx_scattering_type             x-ray 
# 
_diffrn_radiation_wavelength.id           1 
_diffrn_radiation_wavelength.wavelength   1.5418 
_diffrn_radiation_wavelength.wt           1.0 
# 
_diffrn_source.diffrn_id                   1 
_diffrn_source.source                      'ROTATING ANODE' 
_diffrn_source.type                        'BRUKER M06XCE' 
_diffrn_source.pdbx_synchrotron_site       ? 
_diffrn_source.pdbx_synchrotron_beamline   ? 
_diffrn_source.pdbx_wavelength             1.5418 
_diffrn_source.pdbx_wavelength_list        ? 
# 
_reflns.pdbx_diffrn_id               1 
_reflns.pdbx_ordinal                 1 
_reflns.entry_id                     1OB7 
_reflns.observed_criterion_sigma_I   ? 
_reflns.observed_criterion_sigma_F   ? 
_reflns.d_resolution_low             28.620 
_reflns.d_resolution_high            0.890 
_reflns.number_obs                   8776 
_reflns.number_all                   ? 
_reflns.percent_possible_obs         99.3 
_reflns.pdbx_Rmerge_I_obs            0.03060 
_reflns.pdbx_Rsym_value              ? 
_reflns.pdbx_netI_over_sigmaI        50.4400 
_reflns.B_iso_Wilson_estimate        ? 
_reflns.pdbx_redundancy              8.690 
_reflns.pdbx_CC_half                 ? 
_reflns.pdbx_Rpim_I_all              ? 
_reflns.pdbx_Rrim_I_all              ? 
# 
_reflns_shell.pdbx_diffrn_id         1 
_reflns_shell.pdbx_ordinal           1 
_reflns_shell.d_res_high             0.89 
_reflns_shell.d_res_low              1.00 
_reflns_shell.percent_possible_all   97.6 
_reflns_shell.Rmerge_I_obs           0.03490 
_reflns_shell.pdbx_Rsym_value        ? 
_reflns_shell.meanI_over_sigI_obs    26.510 
_reflns_shell.pdbx_redundancy        4.36 
_reflns_shell.number_measured_obs    ? 
_reflns_shell.number_unique_all      ? 
_reflns_shell.number_unique_obs      ? 
_reflns_shell.pdbx_CC_half           ? 
_reflns_shell.pdbx_Rpim_I_all        ? 
_reflns_shell.pdbx_Rrim_I_all        ? 
# 
_refine.pdbx_refine_id                           'X-RAY DIFFRACTION' 
_refine.entry_id                                 1OB7 
_refine.pdbx_diffrn_id                           1 
_refine.pdbx_TLS_residual_ADP_flag               ? 
_refine.ls_number_reflns_obs                     ? 
_refine.ls_number_reflns_all                     8776 
_refine.pdbx_ls_sigma_I                          ? 
_refine.pdbx_ls_sigma_F                          0.0 
_refine.pdbx_data_cutoff_high_absF               ? 
_refine.pdbx_data_cutoff_low_absF                ? 
_refine.pdbx_data_cutoff_high_rms_absF           ? 
_refine.ls_d_res_low                             28.62 
_refine.ls_d_res_high                            0.89 
_refine.ls_percent_reflns_obs                    99.3 
_refine.ls_R_factor_obs                          0.0716 
_refine.ls_R_factor_all                          0.0719 
_refine.ls_R_factor_R_work                       ? 
_refine.ls_R_factor_R_free                       0.0770 
_refine.ls_R_factor_R_free_error                 ? 
_refine.ls_R_factor_R_free_error_details         ? 
_refine.ls_percent_reflns_R_free                 5 
_refine.ls_number_reflns_R_free                  431 
_refine.ls_number_parameters                     1294 
_refine.ls_number_restraints                     1519 
_refine.occupancy_min                            ? 
_refine.occupancy_max                            ? 
_refine.correlation_coeff_Fo_to_Fc               ? 
_refine.correlation_coeff_Fo_to_Fc_free          ? 
_refine.B_iso_mean                               ? 
_refine.aniso_B[1][1]                            ? 
_refine.aniso_B[2][2]                            ? 
_refine.aniso_B[3][3]                            ? 
_refine.aniso_B[1][2]                            ? 
_refine.aniso_B[1][3]                            ? 
_refine.aniso_B[2][3]                            ? 
_refine.solvent_model_details                    'MOEWS & KRETSINGER' 
_refine.solvent_model_param_ksol                 ? 
_refine.solvent_model_param_bsol                 ? 
_refine.pdbx_solvent_vdw_probe_radii             ? 
_refine.pdbx_solvent_ion_probe_radii             ? 
_refine.pdbx_solvent_shrinkage_radii             ? 
_refine.pdbx_ls_cross_valid_method               'FREE R-VALUE' 
_refine.details                                  ? 
_refine.pdbx_starting_model                      ? 
_refine.pdbx_method_to_determine_struct          'DIRECT METHODS' 
_refine.pdbx_isotropic_thermal_model             ? 
_refine.pdbx_stereochemistry_target_values       'ENGH AND HUBER' 
_refine.pdbx_stereochem_target_val_spec_case     'RESTRAINTS FOR AIB, DIV, HYP AND PHL FROM ANTIAMOEBIN (PDB 1JOH)' 
_refine.pdbx_R_Free_selection_details            RANDOM 
_refine.pdbx_overall_ESU_R                       ? 
_refine.pdbx_overall_ESU_R_Free                  ? 
_refine.overall_SU_ML                            ? 
_refine.pdbx_overall_phase_error                 ? 
_refine.overall_SU_B                             ? 
_refine.overall_SU_R_Cruickshank_DPI             ? 
_refine.pdbx_overall_SU_R_free_Cruickshank_DPI   ? 
_refine.pdbx_overall_SU_R_Blow_DPI               ? 
_refine.pdbx_overall_SU_R_free_Blow_DPI          ? 
# 
_refine_analyze.pdbx_refine_id                  'X-RAY DIFFRACTION' 
_refine_analyze.entry_id                        1OB7 
_refine_analyze.Luzzati_coordinate_error_obs    ? 
_refine_analyze.Luzzati_sigma_a_obs             ? 
_refine_analyze.Luzzati_d_res_low_obs           ? 
_refine_analyze.Luzzati_coordinate_error_free   ? 
_refine_analyze.Luzzati_sigma_a_free            ? 
_refine_analyze.Luzzati_d_res_low_free          ? 
_refine_analyze.number_disordered_residues      1 
_refine_analyze.occupancy_sum_hydrogen          122.8 
_refine_analyze.occupancy_sum_non_hydrogen      134.9 
# 
_refine_hist.pdbx_refine_id                   'X-RAY DIFFRACTION' 
_refine_hist.cycle_id                         LAST 
_refine_hist.pdbx_number_atoms_protein        125 
_refine_hist.pdbx_number_atoms_nucleic_acid   0 
_refine_hist.pdbx_number_atoms_ligand         7 
_refine_hist.number_atoms_solvent             11 
_refine_hist.number_atoms_total               143 
_refine_hist.d_res_high                       0.89 
_refine_hist.d_res_low                        28.62 
# 
loop_
_refine_ls_restr.type 
_refine_ls_restr.dev_ideal 
_refine_ls_restr.dev_ideal_target 
_refine_ls_restr.weight 
_refine_ls_restr.number 
_refine_ls_restr.pdbx_refine_id 
_refine_ls_restr.pdbx_restraint_function 
s_bond_d               0.018 ? ? ? 'X-RAY DIFFRACTION' ? 
s_angle_d              0.028 ? ? ? 'X-RAY DIFFRACTION' ? 
s_similar_dist         0.002 ? ? ? 'X-RAY DIFFRACTION' ? 
s_from_restr_planes    0.499 ? ? ? 'X-RAY DIFFRACTION' ? 
s_zero_chiral_vol      0.140 ? ? ? 'X-RAY DIFFRACTION' ? 
s_non_zero_chiral_vol  0.111 ? ? ? 'X-RAY DIFFRACTION' ? 
s_anti_bump_dis_restr  0.000 ? ? ? 'X-RAY DIFFRACTION' ? 
s_rigid_bond_adp_cmpnt 0.005 ? ? ? 'X-RAY DIFFRACTION' ? 
s_similar_adp_cmpnt    0.038 ? ? ? 'X-RAY DIFFRACTION' ? 
s_approx_iso_adps      0.000 ? ? ? 'X-RAY DIFFRACTION' ? 
# 
_pdbx_refine.pdbx_refine_id                              'X-RAY DIFFRACTION' 
_pdbx_refine.entry_id                                    1OB7 
_pdbx_refine.R_factor_all_no_cutoff                      0.0719 
_pdbx_refine.R_factor_obs_no_cutoff                      0.0716 
_pdbx_refine.free_R_factor_no_cutoff                     0.0770 
_pdbx_refine.free_R_error_no_cutoff                      ? 
_pdbx_refine.free_R_val_test_set_size_perc_no_cutoff     5 
_pdbx_refine.free_R_val_test_set_ct_no_cutoff            431 
_pdbx_refine.R_factor_all_4sig_cutoff                    0.0712 
_pdbx_refine.R_factor_obs_4sig_cutoff                    0.0709 
_pdbx_refine.free_R_factor_4sig_cutoff                   0.0758 
_pdbx_refine.free_R_val_test_set_size_perc_4sig_cutoff   5 
_pdbx_refine.free_R_val_test_set_ct_4sig_cutoff          424 
_pdbx_refine.number_reflns_obs_4sig_cutoff               8168 
# 
_struct.entry_id                  1OB7 
_struct.title                     'Cephaibol C' 
_struct.pdbx_model_details        ? 
_struct.pdbx_CASP_flag            ? 
_struct.pdbx_model_type_details   ? 
# 
_struct_keywords.entry_id        1OB7 
_struct_keywords.pdbx_keywords   ANTIBIOTIC 
_struct_keywords.text            'ION CHANNEL, CEPHAIBOL, PEPTAIBOL, ANTIBACTERIAL, ANTIFUNGAL, ANTIBIOTIC' 
# 
loop_
_struct_asym.id 
_struct_asym.pdbx_blank_PDB_chainid_flag 
_struct_asym.pdbx_modified 
_struct_asym.entity_id 
_struct_asym.details 
A N N 1 ? 
B N N 2 ? 
C N N 2 ? 
D N N 3 ? 
E N N 4 ? 
# 
_struct_ref.id                         1 
_struct_ref.db_name                    NOR 
_struct_ref.db_code                    NOR00972 
_struct_ref.entity_id                  1 
_struct_ref.pdbx_seq_one_letter_code   ? 
_struct_ref.pdbx_align_begin           ? 
_struct_ref.pdbx_db_accession          NOR00972 
_struct_ref.pdbx_db_isoform            ? 
# 
_struct_ref_seq.align_id                      1 
_struct_ref_seq.ref_id                        1 
_struct_ref_seq.pdbx_PDB_id_code              1OB7 
_struct_ref_seq.pdbx_strand_id                A 
_struct_ref_seq.seq_align_beg                 1 
_struct_ref_seq.pdbx_seq_align_beg_ins_code   ? 
_struct_ref_seq.seq_align_end                 17 
_struct_ref_seq.pdbx_seq_align_end_ins_code   ? 
_struct_ref_seq.pdbx_db_accession             NOR00972 
_struct_ref_seq.db_align_beg                  0 
_struct_ref_seq.pdbx_db_align_beg_ins_code    ? 
_struct_ref_seq.db_align_end                  16 
_struct_ref_seq.pdbx_db_align_end_ins_code    ? 
_struct_ref_seq.pdbx_auth_seq_align_beg       0 
_struct_ref_seq.pdbx_auth_seq_align_end       16 
# 
_struct_ref_seq_dif.align_id                     1 
_struct_ref_seq_dif.pdbx_pdb_id_code             1OB7 
_struct_ref_seq_dif.mon_id                       DIV 
_struct_ref_seq_dif.pdbx_pdb_strand_id           A 
_struct_ref_seq_dif.seq_num                      13 
_struct_ref_seq_dif.pdbx_pdb_ins_code            ? 
_struct_ref_seq_dif.pdbx_seq_db_name             NOR 
_struct_ref_seq_dif.pdbx_seq_db_accession_code   NO00972 
_struct_ref_seq_dif.db_mon_id                    AIB 
_struct_ref_seq_dif.pdbx_seq_db_seq_num          12 
_struct_ref_seq_dif.details                      microheterogeneity 
_struct_ref_seq_dif.pdbx_auth_seq_num            12 
_struct_ref_seq_dif.pdbx_ordinal                 1 
# 
_pdbx_struct_assembly.id                   1 
_pdbx_struct_assembly.details              author_and_software_defined_assembly 
_pdbx_struct_assembly.method_details       PQS 
_pdbx_struct_assembly.oligomeric_details   monomeric 
_pdbx_struct_assembly.oligomeric_count     1 
# 
_pdbx_struct_assembly_gen.assembly_id       1 
_pdbx_struct_assembly_gen.oper_expression   1 
_pdbx_struct_assembly_gen.asym_id_list      A,B,C,D,E 
# 
_pdbx_struct_oper_list.id                   1 
_pdbx_struct_oper_list.type                 'identity operation' 
_pdbx_struct_oper_list.name                 1_555 
_pdbx_struct_oper_list.symmetry_operation   x,y,z 
_pdbx_struct_oper_list.matrix[1][1]         1.0000000000 
_pdbx_struct_oper_list.matrix[1][2]         0.0000000000 
_pdbx_struct_oper_list.matrix[1][3]         0.0000000000 
_pdbx_struct_oper_list.vector[1]            0.0000000000 
_pdbx_struct_oper_list.matrix[2][1]         0.0000000000 
_pdbx_struct_oper_list.matrix[2][2]         1.0000000000 
_pdbx_struct_oper_list.matrix[2][3]         0.0000000000 
_pdbx_struct_oper_list.vector[2]            0.0000000000 
_pdbx_struct_oper_list.matrix[3][1]         0.0000000000 
_pdbx_struct_oper_list.matrix[3][2]         0.0000000000 
_pdbx_struct_oper_list.matrix[3][3]         1.0000000000 
_pdbx_struct_oper_list.vector[3]            0.0000000000 
# 
_struct_conf.conf_type_id            HELX_P 
_struct_conf.id                      HELX_P1 
_struct_conf.pdbx_PDB_helix_id       1 
_struct_conf.beg_label_comp_id       PHE 
_struct_conf.beg_label_asym_id       A 
_struct_conf.beg_label_seq_id        2 
_struct_conf.pdbx_beg_PDB_ins_code   ? 
_struct_conf.end_label_comp_id       HYP 
_struct_conf.end_label_asym_id       A 
_struct_conf.end_label_seq_id        11 
_struct_conf.pdbx_end_PDB_ins_code   ? 
_struct_conf.beg_auth_comp_id        PHE 
_struct_conf.beg_auth_asym_id        A 
_struct_conf.beg_auth_seq_id         1 
_struct_conf.end_auth_comp_id        HYP 
_struct_conf.end_auth_asym_id        A 
_struct_conf.end_auth_seq_id         10 
_struct_conf.pdbx_PDB_helix_class    1 
_struct_conf.details                 ? 
_struct_conf.pdbx_PDB_helix_length   10 
# 
_struct_conf_type.id          HELX_P 
_struct_conf_type.criteria    ? 
_struct_conf_type.reference   ? 
# 
loop_
_struct_conn.id 
_struct_conn.conn_type_id 
_struct_conn.pdbx_leaving_atom_flag 
_struct_conn.pdbx_PDB_id 
_struct_conn.ptnr1_label_asym_id 
_struct_conn.ptnr1_label_comp_id 
_struct_conn.ptnr1_label_seq_id 
_struct_conn.ptnr1_label_atom_id 
_struct_conn.pdbx_ptnr1_label_alt_id 
_struct_conn.pdbx_ptnr1_PDB_ins_code 
_struct_conn.pdbx_ptnr1_standard_comp_id 
_struct_conn.ptnr1_symmetry 
_struct_conn.ptnr2_label_asym_id 
_struct_conn.ptnr2_label_comp_id 
_struct_conn.ptnr2_label_seq_id 
_struct_conn.ptnr2_label_atom_id 
_struct_conn.pdbx_ptnr2_label_alt_id 
_struct_conn.pdbx_ptnr2_PDB_ins_code 
_struct_conn.ptnr1_auth_asym_id 
_struct_conn.ptnr1_auth_comp_id 
_struct_conn.ptnr1_auth_seq_id 
_struct_conn.ptnr2_auth_asym_id 
_struct_conn.ptnr2_auth_comp_id 
_struct_conn.ptnr2_auth_seq_id 
_struct_conn.ptnr2_symmetry 
_struct_conn.pdbx_ptnr3_label_atom_id 
_struct_conn.pdbx_ptnr3_label_seq_id 
_struct_conn.pdbx_ptnr3_label_comp_id 
_struct_conn.pdbx_ptnr3_label_asym_id 
_struct_conn.pdbx_ptnr3_label_alt_id 
_struct_conn.pdbx_ptnr3_PDB_ins_code 
_struct_conn.details 
_struct_conn.pdbx_dist_value 
_struct_conn.pdbx_value_order 
_struct_conn.pdbx_role 
covale1  covale both ? A ACE 1  C   ? ? ? 1_555 A PHE 2  N  ? ? A ACE 0  A PHE 1    1_555 ? ? ? ? ? ? ? 1.334 ? ? 
covale2  covale both ? A PHE 2  C   ? ? ? 1_555 A AIB 3  N  ? ? A PHE 1  A AIB 2    1_555 ? ? ? ? ? ? ? 1.331 ? ? 
covale3  covale both ? A AIB 3  C   ? ? ? 1_555 A AIB 4  N  ? ? A AIB 2  A AIB 3    1_555 ? ? ? ? ? ? ? 1.339 ? ? 
covale4  covale both ? A AIB 4  C   ? ? ? 1_555 A AIB 5  N  ? ? A AIB 3  A AIB 4    1_555 ? ? ? ? ? ? ? 1.326 ? ? 
covale5  covale both ? A AIB 5  C   ? ? ? 1_555 A AIB 6  N  ? ? A AIB 4  A AIB 5    1_555 ? ? ? ? ? ? ? 1.338 ? ? 
covale6  covale both ? A AIB 6  C   ? ? ? 1_555 A GLY 7  N  ? ? A AIB 5  A GLY 6    1_555 ? ? ? ? ? ? ? 1.327 ? ? 
covale7  covale both ? A LEU 8  C   ? ? ? 1_555 A DIV 9  N  ? ? A LEU 7  A DIV 8    1_555 ? ? ? ? ? ? ? 1.343 ? ? 
covale8  covale both ? A DIV 9  C   ? ? ? 1_555 A AIB 10 N  ? ? A DIV 8  A AIB 9    1_555 ? ? ? ? ? ? ? 1.337 ? ? 
covale9  covale both ? A AIB 10 C   ? ? ? 1_555 A HYP 11 N  ? ? A AIB 9  A HYP 10   1_555 ? ? ? ? ? ? ? 1.342 ? ? 
covale10 covale both ? A HYP 11 C   ? ? ? 1_555 A GLN 12 N  ? ? A HYP 10 A GLN 11   1_555 ? ? ? ? ? ? ? 1.335 ? ? 
covale11 covale both ? A GLN 12 C   ? ? ? 1_555 A DIV 13 N  B ? A GLN 11 A DIV 12   1_555 ? ? ? ? ? ? ? 1.339 ? ? 
covale12 covale both ? A DIV 13 C   B ? ? 1_555 A HYP 14 N  ? ? A DIV 12 A HYP 13   1_555 ? ? ? ? ? ? ? 1.343 ? ? 
covale13 covale both ? A HYP 14 C   ? ? ? 1_555 A AIB 15 N  ? ? A HYP 13 A AIB 14   1_555 ? ? ? ? ? ? ? 1.300 ? ? 
covale14 covale both ? A AIB 15 C   ? ? ? 1_555 A PRO 16 N  ? ? A AIB 14 A PRO 15   1_555 ? ? ? ? ? ? ? 1.310 ? ? 
covale15 covale both ? A PRO 16 C   ? ? ? 1_555 A PHL 17 N  ? ? A PRO 15 A PHL 16   1_555 ? ? ? ? ? ? ? 1.316 ? ? 
metalc1  metalc ?    ? A HYP 11 O   ? ? ? 1_555 D NA  .  NA ? ? A HYP 10 A NA  20   1_555 ? ? ? ? ? ? ? 2.861 ? ? 
metalc2  metalc ?    ? A GLN 12 OE1 ? ? ? 1_555 D NA  .  NA ? ? A GLN 11 A NA  20   1_555 ? ? ? ? ? ? ? 2.848 ? ? 
metalc3  metalc ?    ? D NA  .  NA  ? ? ? 1_555 E HOH .  O  ? ? A NA  20 A HOH 2008 1_655 ? ? ? ? ? ? ? 2.744 ? ? 
metalc4  metalc ?    ? D NA  .  NA  ? ? ? 1_555 E HOH .  O  ? ? A NA  20 A HOH 2009 1_655 ? ? ? ? ? ? ? 2.527 ? ? 
# 
loop_
_struct_conn_type.id 
_struct_conn_type.criteria 
_struct_conn_type.reference 
covale ? ? 
metalc ? ? 
# 
loop_
_pdbx_struct_conn_angle.id 
_pdbx_struct_conn_angle.ptnr1_label_atom_id 
_pdbx_struct_conn_angle.ptnr1_label_alt_id 
_pdbx_struct_conn_angle.ptnr1_label_asym_id 
_pdbx_struct_conn_angle.ptnr1_label_comp_id 
_pdbx_struct_conn_angle.ptnr1_label_seq_id 
_pdbx_struct_conn_angle.ptnr1_auth_atom_id 
_pdbx_struct_conn_angle.ptnr1_auth_asym_id 
_pdbx_struct_conn_angle.ptnr1_auth_comp_id 
_pdbx_struct_conn_angle.ptnr1_auth_seq_id 
_pdbx_struct_conn_angle.ptnr1_PDB_ins_code 
_pdbx_struct_conn_angle.ptnr1_symmetry 
_pdbx_struct_conn_angle.ptnr2_label_atom_id 
_pdbx_struct_conn_angle.ptnr2_label_alt_id 
_pdbx_struct_conn_angle.ptnr2_label_asym_id 
_pdbx_struct_conn_angle.ptnr2_label_comp_id 
_pdbx_struct_conn_angle.ptnr2_label_seq_id 
_pdbx_struct_conn_angle.ptnr2_auth_atom_id 
_pdbx_struct_conn_angle.ptnr2_auth_asym_id 
_pdbx_struct_conn_angle.ptnr2_auth_comp_id 
_pdbx_struct_conn_angle.ptnr2_auth_seq_id 
_pdbx_struct_conn_angle.ptnr2_PDB_ins_code 
_pdbx_struct_conn_angle.ptnr2_symmetry 
_pdbx_struct_conn_angle.ptnr3_label_atom_id 
_pdbx_struct_conn_angle.ptnr3_label_alt_id 
_pdbx_struct_conn_angle.ptnr3_label_asym_id 
_pdbx_struct_conn_angle.ptnr3_label_comp_id 
_pdbx_struct_conn_angle.ptnr3_label_seq_id 
_pdbx_struct_conn_angle.ptnr3_auth_atom_id 
_pdbx_struct_conn_angle.ptnr3_auth_asym_id 
_pdbx_struct_conn_angle.ptnr3_auth_comp_id 
_pdbx_struct_conn_angle.ptnr3_auth_seq_id 
_pdbx_struct_conn_angle.ptnr3_PDB_ins_code 
_pdbx_struct_conn_angle.ptnr3_symmetry 
_pdbx_struct_conn_angle.value 
_pdbx_struct_conn_angle.value_esd 
1 O   ? A HYP 11 ? A HYP 10   ? 1_555 NA ? D NA . ? A NA 20 ? 1_555 OE1 ? A GLN 12 ? A GLN 11   ? 1_555 88.9  ? 
2 O   ? A HYP 11 ? A HYP 10   ? 1_555 NA ? D NA . ? A NA 20 ? 1_555 O   ? E HOH .  ? A HOH 2008 ? 1_655 125.9 ? 
3 OE1 ? A GLN 12 ? A GLN 11   ? 1_555 NA ? D NA . ? A NA 20 ? 1_555 O   ? E HOH .  ? A HOH 2008 ? 1_655 94.5  ? 
4 O   ? A HYP 11 ? A HYP 10   ? 1_555 NA ? D NA . ? A NA 20 ? 1_555 O   ? E HOH .  ? A HOH 2009 ? 1_655 124.4 ? 
5 OE1 ? A GLN 12 ? A GLN 11   ? 1_555 NA ? D NA . ? A NA 20 ? 1_555 O   ? E HOH .  ? A HOH 2009 ? 1_655 96.2  ? 
6 O   ? E HOH .  ? A HOH 2008 ? 1_655 NA ? D NA . ? A NA 20 ? 1_555 O   ? E HOH .  ? A HOH 2009 ? 1_655 2.2   ? 
# 
loop_
_pdbx_modification_feature.ordinal 
_pdbx_modification_feature.label_comp_id 
_pdbx_modification_feature.label_asym_id 
_pdbx_modification_feature.label_seq_id 
_pdbx_modification_feature.label_alt_id 
_pdbx_modification_feature.modified_residue_label_comp_id 
_pdbx_modification_feature.modified_residue_label_asym_id 
_pdbx_modification_feature.modified_residue_label_seq_id 
_pdbx_modification_feature.modified_residue_label_alt_id 
_pdbx_modification_feature.auth_comp_id 
_pdbx_modification_feature.auth_asym_id 
_pdbx_modification_feature.auth_seq_id 
_pdbx_modification_feature.PDB_ins_code 
_pdbx_modification_feature.symmetry 
_pdbx_modification_feature.modified_residue_auth_comp_id 
_pdbx_modification_feature.modified_residue_auth_asym_id 
_pdbx_modification_feature.modified_residue_auth_seq_id 
_pdbx_modification_feature.modified_residue_PDB_ins_code 
_pdbx_modification_feature.modified_residue_symmetry 
_pdbx_modification_feature.comp_id_linking_atom 
_pdbx_modification_feature.modified_residue_id_linking_atom 
_pdbx_modification_feature.modified_residue_id 
_pdbx_modification_feature.ref_pcm_id 
_pdbx_modification_feature.ref_comp_id 
_pdbx_modification_feature.type 
_pdbx_modification_feature.category 
1  AIB A 3  ? .   . . . AIB A 2  ? 1_555 .   . . . .     . . ALA 1  AIB Methylation   'Named protein modification' 
2  AIB A 4  ? .   . . . AIB A 3  ? 1_555 .   . . . .     . . ALA 1  AIB Methylation   'Named protein modification' 
3  AIB A 5  ? .   . . . AIB A 4  ? 1_555 .   . . . .     . . ALA 1  AIB Methylation   'Named protein modification' 
4  AIB A 6  ? .   . . . AIB A 5  ? 1_555 .   . . . .     . . ALA 1  AIB Methylation   'Named protein modification' 
5  AIB A 10 ? .   . . . AIB A 9  ? 1_555 .   . . . .     . . ALA 1  AIB Methylation   'Named protein modification' 
6  HYP A 11 ? .   . . . HYP A 10 ? 1_555 .   . . . .     . . PRO 1  HYP Hydroxylation 'Named protein modification' 
7  HYP A 14 ? .   . . . HYP A 13 ? 1_555 .   . . . .     . . PRO 1  HYP Hydroxylation 'Named protein modification' 
8  AIB A 15 ? .   . . . AIB A 14 ? 1_555 .   . . . .     . . ALA 1  AIB Methylation   'Named protein modification' 
9  PHL A 17 ? .   . . . PHL A 16 ? 1_555 .   . . . .     . . PHE 1  PHL Deoxidation   'Named protein modification' 
10 DIV A 9  ? .   . . . DIV A 8  ? 1_555 .   . . . .     . . ?   1  DIV None          'Non-standard residue'       
11 DIV A 13 B .   . . . DIV A 12 ? 1_555 .   . . . .     . . ?   1  DIV None          'Non-standard residue'       
12 ACE A 1  ? PHE A 2 ? ACE A 0  ? 1_555 PHE A 1 ? 1_555 . . PHE 15 ACE None          'Terminal acetylation'       
# 
loop_
_struct_site.id 
_struct_site.pdbx_evidence_code 
_struct_site.pdbx_auth_asym_id 
_struct_site.pdbx_auth_comp_id 
_struct_site.pdbx_auth_seq_id 
_struct_site.pdbx_auth_ins_code 
_struct_site.pdbx_num_residues 
_struct_site.details 
AC1 Software A NA  20 ? 5  'BINDING SITE FOR RESIDUE NA A 20'        
AC2 Software A EOH 18 ? 4  'BINDING SITE FOR RESIDUE EOH A 18'       
AC3 Software A EOH 19 ? 4  'BINDING SITE FOR RESIDUE EOH A 19'       
AC4 Software ? ?   ?  ? 13 'BINDING SITE FOR CHAIN A OF CEPHAIBOL C' 
# 
loop_
_struct_site_gen.id 
_struct_site_gen.site_id 
_struct_site_gen.pdbx_num_res 
_struct_site_gen.label_comp_id 
_struct_site_gen.label_asym_id 
_struct_site_gen.label_seq_id 
_struct_site_gen.pdbx_auth_ins_code 
_struct_site_gen.auth_comp_id 
_struct_site_gen.auth_asym_id 
_struct_site_gen.auth_seq_id 
_struct_site_gen.label_atom_id 
_struct_site_gen.label_alt_id 
_struct_site_gen.symmetry 
_struct_site_gen.details 
1  AC1 5  GLY A 7  ? GLY A 6    . ? 4_555 ? 
2  AC1 5  HYP A 11 ? HYP A 10   . ? 1_555 ? 
3  AC1 5  GLN A 12 ? GLN A 11   . ? 1_555 ? 
4  AC1 5  HOH E .  ? HOH A 2008 . ? 1_655 ? 
5  AC1 5  HOH E .  ? HOH A 2009 . ? 1_655 ? 
6  AC2 4  AIB A 3  ? AIB A 2    . ? 4_555 ? 
7  AC2 4  AIB A 4  ? AIB A 3    . ? 4_455 ? 
8  AC2 4  HOH E .  ? HOH A 2001 . ? 4_555 ? 
9  AC2 4  HOH E .  ? HOH A 2007 . ? 4_545 ? 
10 AC3 4  ACE A 1  ? ACE A 0    . ? 1_545 ? 
11 AC3 4  DIV A 13 ? DIV A 12   . ? 3_745 ? 
12 AC3 4  PRO A 16 ? PRO A 15   . ? 1_555 ? 
13 AC3 4  PHL A 17 ? PHL A 16   . ? 1_655 ? 
14 AC4 13 EOH B .  ? EOH A 18   . ? 4_455 ? 
15 AC4 13 EOH B .  ? EOH A 18   . ? 4_555 ? 
16 AC4 13 EOH C .  ? EOH A 19   . ? 1_565 ? 
17 AC4 13 EOH C .  ? EOH A 19   . ? 3_755 ? 
18 AC4 13 EOH C .  ? EOH A 19   . ? 1_555 ? 
19 AC4 13 EOH C .  ? EOH A 19   . ? 1_455 ? 
20 AC4 13 NA  D .  ? NA  A 20   . ? 1_555 ? 
21 AC4 13 NA  D .  ? NA  A 20   . ? 4_455 ? 
22 AC4 13 HOH E .  ? HOH A 2008 . ? 1_555 ? 
23 AC4 13 HOH E .  ? HOH A 2009 . ? 1_555 ? 
24 AC4 13 HOH E .  ? HOH A 2010 . ? 1_555 ? 
25 AC4 13 HOH E .  ? HOH A 2011 . ? 1_555 ? 
26 AC4 13 HOH E .  ? HOH A 2011 . ? 1_655 ? 
# 
_pdbx_entry_details.entry_id                   1OB7 
_pdbx_entry_details.compound_details           
;CEPHAIBOL C IS LINEAR PEPTIDE, A MEMBER OF THE PEPTAIBOL
FAMILY OF MEMBRANE CHANNEL FORMING PEPTIDES.
HERE, CEPHAIBOL C IS REPRESENTED BY THE SEQUENCE (SEQRES)

 GROUP: 1
  NAME:  CEPHAIBOL C
  CHAIN: A
  COMPONENT_1: PEPTIDE LIKE SEQUENCE RESIDUES 0 TO 16
  DESCRIPTION: CEPHAIBOL C IS A HEXADECAMERIC HELICAL PEPTIDE.
               THE N-TERM IS ACETYLATED (RESIDUE 0)
;
_pdbx_entry_details.source_details             ? 
_pdbx_entry_details.nonpolymer_details         ? 
_pdbx_entry_details.sequence_details           'SLIGHT CONTAMINATION CAUSED MICROHETERGENEITY AT POSITION 12' 
_pdbx_entry_details.has_ligand_of_interest     ? 
_pdbx_entry_details.has_protein_modification   Y 
# 
_pdbx_molecule_features.prd_id    PRD_000158 
_pdbx_molecule_features.name      'Cephaibol C' 
_pdbx_molecule_features.type      Peptaibol 
_pdbx_molecule_features.class     Antibiotic 
_pdbx_molecule_features.details   
;CEPHAIBOL C IS A HEXADECAMERIC HELICAL PEPTIDE.
 THE N-TERM IS ACETYLATED (RESIDUE 0)
;
# 
_pdbx_molecule.instance_id   1 
_pdbx_molecule.prd_id        PRD_000158 
_pdbx_molecule.asym_id       A 
# 
loop_
_pdbx_struct_mod_residue.id 
_pdbx_struct_mod_residue.label_asym_id 
_pdbx_struct_mod_residue.label_comp_id 
_pdbx_struct_mod_residue.label_seq_id 
_pdbx_struct_mod_residue.auth_asym_id 
_pdbx_struct_mod_residue.auth_comp_id 
_pdbx_struct_mod_residue.auth_seq_id 
_pdbx_struct_mod_residue.PDB_ins_code 
_pdbx_struct_mod_residue.parent_comp_id 
_pdbx_struct_mod_residue.details 
1  A AIB 3  A AIB 2  ? ALA 'ALPHA-AMINOISOBUTYRIC ACID' 
2  A AIB 4  A AIB 3  ? ALA 'ALPHA-AMINOISOBUTYRIC ACID' 
3  A AIB 5  A AIB 4  ? ALA 'ALPHA-AMINOISOBUTYRIC ACID' 
4  A AIB 6  A AIB 5  ? ALA 'ALPHA-AMINOISOBUTYRIC ACID' 
5  A AIB 10 A AIB 9  ? ALA 'ALPHA-AMINOISOBUTYRIC ACID' 
6  A HYP 11 A HYP 10 ? PRO 4-HYDROXYPROLINE             
7  A AIB 13 A AIB 12 ? ALA 'ALPHA-AMINOISOBUTYRIC ACID' 
8  A HYP 14 A HYP 13 ? PRO 4-HYDROXYPROLINE             
9  A AIB 15 A AIB 14 ? ALA 'ALPHA-AMINOISOBUTYRIC ACID' 
10 A PHL 17 A PHL 16 ? PHE L-PHENYLALANINOL             
# 
loop_
_chem_comp_atom.comp_id 
_chem_comp_atom.atom_id 
_chem_comp_atom.type_symbol 
_chem_comp_atom.pdbx_aromatic_flag 
_chem_comp_atom.pdbx_stereo_config 
_chem_comp_atom.pdbx_ordinal 
ACE C    C  N N 1   
ACE O    O  N N 2   
ACE CH3  C  N N 3   
ACE H    H  N N 4   
ACE H1   H  N N 5   
ACE H2   H  N N 6   
ACE H3   H  N N 7   
AIB N    N  N N 8   
AIB CA   C  N N 9   
AIB C    C  N N 10  
AIB O    O  N N 11  
AIB OXT  O  N N 12  
AIB CB1  C  N N 13  
AIB CB2  C  N N 14  
AIB H    H  N N 15  
AIB H2   H  N N 16  
AIB HXT  H  N N 17  
AIB HB11 H  N N 18  
AIB HB12 H  N N 19  
AIB HB13 H  N N 20  
AIB HB21 H  N N 21  
AIB HB22 H  N N 22  
AIB HB23 H  N N 23  
DIV N    N  N N 24  
DIV CA   C  N R 25  
DIV CB1  C  N N 26  
DIV CG1  C  N N 27  
DIV CB2  C  N N 28  
DIV C    C  N N 29  
DIV O    O  N N 30  
DIV OXT  O  N N 31  
DIV H    H  N N 32  
DIV H2   H  N N 33  
DIV HB11 H  N N 34  
DIV HB12 H  N N 35  
DIV HG11 H  N N 36  
DIV HG12 H  N N 37  
DIV HG13 H  N N 38  
DIV HB21 H  N N 39  
DIV HB22 H  N N 40  
DIV HB23 H  N N 41  
DIV HXT  H  N N 42  
EOH C1   C  N N 43  
EOH C2   C  N N 44  
EOH O    O  N N 45  
EOH H11  H  N N 46  
EOH H12  H  N N 47  
EOH H21  H  N N 48  
EOH H22  H  N N 49  
EOH H23  H  N N 50  
EOH HO   H  N N 51  
GLN N    N  N N 52  
GLN CA   C  N S 53  
GLN C    C  N N 54  
GLN O    O  N N 55  
GLN CB   C  N N 56  
GLN CG   C  N N 57  
GLN CD   C  N N 58  
GLN OE1  O  N N 59  
GLN NE2  N  N N 60  
GLN OXT  O  N N 61  
GLN H    H  N N 62  
GLN H2   H  N N 63  
GLN HA   H  N N 64  
GLN HB2  H  N N 65  
GLN HB3  H  N N 66  
GLN HG2  H  N N 67  
GLN HG3  H  N N 68  
GLN HE21 H  N N 69  
GLN HE22 H  N N 70  
GLN HXT  H  N N 71  
GLY N    N  N N 72  
GLY CA   C  N N 73  
GLY C    C  N N 74  
GLY O    O  N N 75  
GLY OXT  O  N N 76  
GLY H    H  N N 77  
GLY H2   H  N N 78  
GLY HA2  H  N N 79  
GLY HA3  H  N N 80  
GLY HXT  H  N N 81  
HOH O    O  N N 82  
HOH H1   H  N N 83  
HOH H2   H  N N 84  
HYP N    N  N N 85  
HYP CA   C  N S 86  
HYP C    C  N N 87  
HYP O    O  N N 88  
HYP CB   C  N N 89  
HYP CG   C  N R 90  
HYP CD   C  N N 91  
HYP OD1  O  N N 92  
HYP OXT  O  N N 93  
HYP H    H  N N 94  
HYP HA   H  N N 95  
HYP HB2  H  N N 96  
HYP HB3  H  N N 97  
HYP HG   H  N N 98  
HYP HD22 H  N N 99  
HYP HD23 H  N N 100 
HYP HD1  H  N N 101 
HYP HXT  H  N N 102 
LEU N    N  N N 103 
LEU CA   C  N S 104 
LEU C    C  N N 105 
LEU O    O  N N 106 
LEU CB   C  N N 107 
LEU CG   C  N N 108 
LEU CD1  C  N N 109 
LEU CD2  C  N N 110 
LEU OXT  O  N N 111 
LEU H    H  N N 112 
LEU H2   H  N N 113 
LEU HA   H  N N 114 
LEU HB2  H  N N 115 
LEU HB3  H  N N 116 
LEU HG   H  N N 117 
LEU HD11 H  N N 118 
LEU HD12 H  N N 119 
LEU HD13 H  N N 120 
LEU HD21 H  N N 121 
LEU HD22 H  N N 122 
LEU HD23 H  N N 123 
LEU HXT  H  N N 124 
NA  NA   NA N N 125 
PHE N    N  N N 126 
PHE CA   C  N S 127 
PHE C    C  N N 128 
PHE O    O  N N 129 
PHE CB   C  N N 130 
PHE CG   C  Y N 131 
PHE CD1  C  Y N 132 
PHE CD2  C  Y N 133 
PHE CE1  C  Y N 134 
PHE CE2  C  Y N 135 
PHE CZ   C  Y N 136 
PHE OXT  O  N N 137 
PHE H    H  N N 138 
PHE H2   H  N N 139 
PHE HA   H  N N 140 
PHE HB2  H  N N 141 
PHE HB3  H  N N 142 
PHE HD1  H  N N 143 
PHE HD2  H  N N 144 
PHE HE1  H  N N 145 
PHE HE2  H  N N 146 
PHE HZ   H  N N 147 
PHE HXT  H  N N 148 
PHL N    N  N N 149 
PHL CA   C  N S 150 
PHL C    C  N N 151 
PHL O    O  N N 152 
PHL CB   C  N N 153 
PHL CG   C  Y N 154 
PHL CD1  C  Y N 155 
PHL CD2  C  Y N 156 
PHL CE1  C  Y N 157 
PHL CE2  C  Y N 158 
PHL CZ   C  Y N 159 
PHL H    H  N N 160 
PHL H2   H  N N 161 
PHL HA   H  N N 162 
PHL HC1  H  N N 163 
PHL HC2  H  N N 164 
PHL HO   H  N N 165 
PHL HB2  H  N N 166 
PHL HB3  H  N N 167 
PHL HD1  H  N N 168 
PHL HD2  H  N N 169 
PHL HE1  H  N N 170 
PHL HE2  H  N N 171 
PHL HZ   H  N N 172 
PRO N    N  N N 173 
PRO CA   C  N S 174 
PRO C    C  N N 175 
PRO O    O  N N 176 
PRO CB   C  N N 177 
PRO CG   C  N N 178 
PRO CD   C  N N 179 
PRO OXT  O  N N 180 
PRO H    H  N N 181 
PRO HA   H  N N 182 
PRO HB2  H  N N 183 
PRO HB3  H  N N 184 
PRO HG2  H  N N 185 
PRO HG3  H  N N 186 
PRO HD2  H  N N 187 
PRO HD3  H  N N 188 
PRO HXT  H  N N 189 
# 
loop_
_chem_comp_bond.comp_id 
_chem_comp_bond.atom_id_1 
_chem_comp_bond.atom_id_2 
_chem_comp_bond.value_order 
_chem_comp_bond.pdbx_aromatic_flag 
_chem_comp_bond.pdbx_stereo_config 
_chem_comp_bond.pdbx_ordinal 
ACE C   O    doub N N 1   
ACE C   CH3  sing N N 2   
ACE C   H    sing N N 3   
ACE CH3 H1   sing N N 4   
ACE CH3 H2   sing N N 5   
ACE CH3 H3   sing N N 6   
AIB N   CA   sing N N 7   
AIB N   H    sing N N 8   
AIB N   H2   sing N N 9   
AIB CA  C    sing N N 10  
AIB CA  CB1  sing N N 11  
AIB CA  CB2  sing N N 12  
AIB C   O    doub N N 13  
AIB C   OXT  sing N N 14  
AIB OXT HXT  sing N N 15  
AIB CB1 HB11 sing N N 16  
AIB CB1 HB12 sing N N 17  
AIB CB1 HB13 sing N N 18  
AIB CB2 HB21 sing N N 19  
AIB CB2 HB22 sing N N 20  
AIB CB2 HB23 sing N N 21  
DIV N   CA   sing N N 22  
DIV N   H    sing N N 23  
DIV N   H2   sing N N 24  
DIV CA  CB1  sing N N 25  
DIV CA  CB2  sing N N 26  
DIV CA  C    sing N N 27  
DIV CB1 CG1  sing N N 28  
DIV CB1 HB11 sing N N 29  
DIV CB1 HB12 sing N N 30  
DIV CG1 HG11 sing N N 31  
DIV CG1 HG12 sing N N 32  
DIV CG1 HG13 sing N N 33  
DIV CB2 HB21 sing N N 34  
DIV CB2 HB22 sing N N 35  
DIV CB2 HB23 sing N N 36  
DIV C   O    doub N N 37  
DIV C   OXT  sing N N 38  
DIV OXT HXT  sing N N 39  
EOH C1  C2   sing N N 40  
EOH C1  O    sing N N 41  
EOH C1  H11  sing N N 42  
EOH C1  H12  sing N N 43  
EOH C2  H21  sing N N 44  
EOH C2  H22  sing N N 45  
EOH C2  H23  sing N N 46  
EOH O   HO   sing N N 47  
GLN N   CA   sing N N 48  
GLN N   H    sing N N 49  
GLN N   H2   sing N N 50  
GLN CA  C    sing N N 51  
GLN CA  CB   sing N N 52  
GLN CA  HA   sing N N 53  
GLN C   O    doub N N 54  
GLN C   OXT  sing N N 55  
GLN CB  CG   sing N N 56  
GLN CB  HB2  sing N N 57  
GLN CB  HB3  sing N N 58  
GLN CG  CD   sing N N 59  
GLN CG  HG2  sing N N 60  
GLN CG  HG3  sing N N 61  
GLN CD  OE1  doub N N 62  
GLN CD  NE2  sing N N 63  
GLN NE2 HE21 sing N N 64  
GLN NE2 HE22 sing N N 65  
GLN OXT HXT  sing N N 66  
GLY N   CA   sing N N 67  
GLY N   H    sing N N 68  
GLY N   H2   sing N N 69  
GLY CA  C    sing N N 70  
GLY CA  HA2  sing N N 71  
GLY CA  HA3  sing N N 72  
GLY C   O    doub N N 73  
GLY C   OXT  sing N N 74  
GLY OXT HXT  sing N N 75  
HOH O   H1   sing N N 76  
HOH O   H2   sing N N 77  
HYP N   CA   sing N N 78  
HYP N   CD   sing N N 79  
HYP N   H    sing N N 80  
HYP CA  C    sing N N 81  
HYP CA  CB   sing N N 82  
HYP CA  HA   sing N N 83  
HYP C   O    doub N N 84  
HYP C   OXT  sing N N 85  
HYP CB  CG   sing N N 86  
HYP CB  HB2  sing N N 87  
HYP CB  HB3  sing N N 88  
HYP CG  CD   sing N N 89  
HYP CG  OD1  sing N N 90  
HYP CG  HG   sing N N 91  
HYP CD  HD22 sing N N 92  
HYP CD  HD23 sing N N 93  
HYP OD1 HD1  sing N N 94  
HYP OXT HXT  sing N N 95  
LEU N   CA   sing N N 96  
LEU N   H    sing N N 97  
LEU N   H2   sing N N 98  
LEU CA  C    sing N N 99  
LEU CA  CB   sing N N 100 
LEU CA  HA   sing N N 101 
LEU C   O    doub N N 102 
LEU C   OXT  sing N N 103 
LEU CB  CG   sing N N 104 
LEU CB  HB2  sing N N 105 
LEU CB  HB3  sing N N 106 
LEU CG  CD1  sing N N 107 
LEU CG  CD2  sing N N 108 
LEU CG  HG   sing N N 109 
LEU CD1 HD11 sing N N 110 
LEU CD1 HD12 sing N N 111 
LEU CD1 HD13 sing N N 112 
LEU CD2 HD21 sing N N 113 
LEU CD2 HD22 sing N N 114 
LEU CD2 HD23 sing N N 115 
LEU OXT HXT  sing N N 116 
PHE N   CA   sing N N 117 
PHE N   H    sing N N 118 
PHE N   H2   sing N N 119 
PHE CA  C    sing N N 120 
PHE CA  CB   sing N N 121 
PHE CA  HA   sing N N 122 
PHE C   O    doub N N 123 
PHE C   OXT  sing N N 124 
PHE CB  CG   sing N N 125 
PHE CB  HB2  sing N N 126 
PHE CB  HB3  sing N N 127 
PHE CG  CD1  doub Y N 128 
PHE CG  CD2  sing Y N 129 
PHE CD1 CE1  sing Y N 130 
PHE CD1 HD1  sing N N 131 
PHE CD2 CE2  doub Y N 132 
PHE CD2 HD2  sing N N 133 
PHE CE1 CZ   doub Y N 134 
PHE CE1 HE1  sing N N 135 
PHE CE2 CZ   sing Y N 136 
PHE CE2 HE2  sing N N 137 
PHE CZ  HZ   sing N N 138 
PHE OXT HXT  sing N N 139 
PHL N   CA   sing N N 140 
PHL N   H    sing N N 141 
PHL N   H2   sing N N 142 
PHL CA  C    sing N N 143 
PHL CA  CB   sing N N 144 
PHL CA  HA   sing N N 145 
PHL C   O    sing N N 146 
PHL C   HC1  sing N N 147 
PHL C   HC2  sing N N 148 
PHL O   HO   sing N N 149 
PHL CB  CG   sing N N 150 
PHL CB  HB2  sing N N 151 
PHL CB  HB3  sing N N 152 
PHL CG  CD1  doub Y N 153 
PHL CG  CD2  sing Y N 154 
PHL CD1 CE1  sing Y N 155 
PHL CD1 HD1  sing N N 156 
PHL CD2 CE2  doub Y N 157 
PHL CD2 HD2  sing N N 158 
PHL CE1 CZ   doub Y N 159 
PHL CE1 HE1  sing N N 160 
PHL CE2 CZ   sing Y N 161 
PHL CE2 HE2  sing N N 162 
PHL CZ  HZ   sing N N 163 
PRO N   CA   sing N N 164 
PRO N   CD   sing N N 165 
PRO N   H    sing N N 166 
PRO CA  C    sing N N 167 
PRO CA  CB   sing N N 168 
PRO CA  HA   sing N N 169 
PRO C   O    doub N N 170 
PRO C   OXT  sing N N 171 
PRO CB  CG   sing N N 172 
PRO CB  HB2  sing N N 173 
PRO CB  HB3  sing N N 174 
PRO CG  CD   sing N N 175 
PRO CG  HG2  sing N N 176 
PRO CG  HG3  sing N N 177 
PRO CD  HD2  sing N N 178 
PRO CD  HD3  sing N N 179 
PRO OXT HXT  sing N N 180 
# 
_atom_sites.entry_id                    1OB7 
_atom_sites.fract_transf_matrix[1][1]   0.02570298 
_atom_sites.fract_transf_matrix[1][2]   0.10771745 
_atom_sites.fract_transf_matrix[1][3]   0.00874113 
_atom_sites.fract_transf_matrix[2][1]   -0.03089293 
_atom_sites.fract_transf_matrix[2][2]   0.00614399 
_atom_sites.fract_transf_matrix[2][3]   0.01512685 
_atom_sites.fract_transf_matrix[3][1]   0.00987716 
_atom_sites.fract_transf_matrix[3][2]   -0.00412986 
_atom_sites.fract_transf_matrix[3][3]   0.02184911 
_atom_sites.fract_transf_vector[1]      0.959567 
_atom_sites.fract_transf_vector[2]      0.243260 
_atom_sites.fract_transf_vector[3]      0.127709 
# 
loop_
_atom_type.symbol 
C  
N  
NA 
O  
# 
loop_
_atom_site.group_PDB 
_atom_site.id 
_atom_site.type_symbol 
_atom_site.label_atom_id 
_atom_site.label_alt_id 
_atom_site.label_comp_id 
_atom_site.label_asym_id 
_atom_site.label_entity_id 
_atom_site.label_seq_id 
_atom_site.pdbx_PDB_ins_code 
_atom_site.Cartn_x 
_atom_site.Cartn_y 
_atom_site.Cartn_z 
_atom_site.occupancy 
_atom_site.B_iso_or_equiv 
_atom_site.pdbx_formal_charge 
_atom_site.auth_seq_id 
_atom_site.auth_comp_id 
_atom_site.auth_asym_id 
_atom_site.auth_atom_id 
_atom_site.pdbx_PDB_model_num 
HETATM 1   C  C   . ACE A 1 1  ? -9.905  2.892  7.322   1.00 3.62  ? 0    ACE A C   1 
HETATM 2   O  O   . ACE A 1 1  ? -8.965  3.012  6.531   1.00 4.46  ? 0    ACE A O   1 
HETATM 3   C  CH3 . ACE A 1 1  ? -10.812 4.045  7.604   1.00 4.40  ? 0    ACE A CH3 1 
ATOM   4   N  N   . PHE A 1 2  ? -10.131 1.749  7.970   1.00 3.66  ? 1    PHE A N   1 
ATOM   5   C  CA  . PHE A 1 2  ? -9.209  0.621  7.844   1.00 3.53  ? 1    PHE A CA  1 
ATOM   6   C  C   . PHE A 1 2  ? -9.089  0.108  6.397   1.00 3.10  ? 1    PHE A C   1 
ATOM   7   O  O   . PHE A 1 2  ? -7.982  -0.025 5.890   1.00 3.49  ? 1    PHE A O   1 
ATOM   8   C  CB  . PHE A 1 2  ? -9.669  -0.488 8.790   1.00 4.27  ? 1    PHE A CB  1 
ATOM   9   C  CG  . PHE A 1 2  ? -8.720  -1.645 8.813   1.00 4.68  ? 1    PHE A CG  1 
ATOM   10  C  CD1 . PHE A 1 2  ? -7.540  -1.566 9.567   1.00 7.18  ? 1    PHE A CD1 1 
ATOM   11  C  CD2 . PHE A 1 2  ? -8.967  -2.788 8.141   1.00 10.99 ? 1    PHE A CD2 1 
ATOM   12  C  CE1 . PHE A 1 2  ? -6.639  -2.590 9.611   1.00 11.93 ? 1    PHE A CE1 1 
ATOM   13  C  CE2 . PHE A 1 2  ? -8.059  -3.856 8.150   1.00 16.75 ? 1    PHE A CE2 1 
ATOM   14  C  CZ  . PHE A 1 2  ? -6.900  -3.727 8.870   1.00 16.37 ? 1    PHE A CZ  1 
HETATM 15  N  N   . AIB A 1 3  ? -10.218 -0.190 5.756   1.00 3.37  ? 2    AIB A N   1 
HETATM 16  C  CA  . AIB A 1 3  ? -10.198 -0.716 4.390   1.00 3.56  ? 2    AIB A CA  1 
HETATM 17  C  C   . AIB A 1 3  ? -9.399  0.274  3.508   1.00 3.25  ? 2    AIB A C   1 
HETATM 18  O  O   . AIB A 1 3  ? -8.519  -0.106 2.743   1.00 3.55  ? 2    AIB A O   1 
HETATM 19  C  CB1 . AIB A 1 3  ? -11.620 -0.804 3.843   1.00 4.53  ? 2    AIB A CB1 1 
HETATM 20  C  CB2 . AIB A 1 3  ? -9.553  -2.104 4.375   1.00 4.26  ? 2    AIB A CB2 1 
HETATM 21  N  N   . AIB A 1 4  ? -9.789  1.551  3.597   1.00 3.61  ? 3    AIB A N   1 
HETATM 22  C  CA  . AIB A 1 4  ? -9.169  2.606  2.790   1.00 3.89  ? 3    AIB A CA  1 
HETATM 23  C  C   . AIB A 1 4  ? -7.645  2.579  3.030   1.00 3.42  ? 3    AIB A C   1 
HETATM 24  O  O   . AIB A 1 4  ? -6.863  2.670  2.083   1.00 3.88  ? 3    AIB A O   1 
HETATM 25  C  CB1 . AIB A 1 4  ? -9.701  3.958  3.288   1.00 4.51  ? 3    AIB A CB1 1 
HETATM 26  C  CB2 . AIB A 1 4  ? -9.493  2.412  1.319   1.00 4.91  ? 3    AIB A CB2 1 
HETATM 27  N  N   . AIB A 1 5  ? -7.226  2.505  4.286   1.00 3.25  ? 4    AIB A N   1 
HETATM 28  C  CA  . AIB A 1 5  ? -5.812  2.555  4.609   1.00 3.53  ? 4    AIB A CA  1 
HETATM 29  C  C   . AIB A 1 5  ? -5.055  1.523  3.761   1.00 2.81  ? 4    AIB A C   1 
HETATM 30  O  O   . AIB A 1 5  ? -4.057  1.811  3.096   1.00 3.16  ? 4    AIB A O   1 
HETATM 31  C  CB1 . AIB A 1 5  ? -5.626  2.170  6.096   1.00 3.89  ? 4    AIB A CB1 1 
HETATM 32  C  CB2 . AIB A 1 5  ? -5.227  3.929  4.381   1.00 4.20  ? 4    AIB A CB2 1 
HETATM 33  N  N   . AIB A 1 6  ? -5.560  0.284  3.809   1.00 2.69  ? 5    AIB A N   1 
HETATM 34  C  CA  . AIB A 1 6  ? -4.912  -0.820 3.083   1.00 2.70  ? 5    AIB A CA  1 
HETATM 35  C  C   . AIB A 1 6  ? -4.811  -0.471 1.604   1.00 2.56  ? 5    AIB A C   1 
HETATM 36  O  O   . AIB A 1 6  ? -3.773  -0.638 0.960   1.00 2.94  ? 5    AIB A O   1 
HETATM 37  C  CB1 . AIB A 1 6  ? -5.809  -2.056 3.226   1.00 2.94  ? 5    AIB A CB1 1 
HETATM 38  C  CB2 . AIB A 1 6  ? -3.544  -1.122 3.673   1.00 3.35  ? 5    AIB A CB2 1 
ATOM   39  N  N   . GLY A 1 7  ? -5.928  -0.043 1.031   1.00 2.80  ? 6    GLY A N   1 
ATOM   40  C  CA  . GLY A 1 7  ? -5.977  0.175  -0.411  1.00 2.87  ? 6    GLY A CA  1 
ATOM   41  C  C   . GLY A 1 7  ? -5.116  1.340  -0.875  1.00 2.72  ? 6    GLY A C   1 
ATOM   42  O  O   . GLY A 1 7  ? -4.542  1.277  -1.964  1.00 3.02  ? 6    GLY A O   1 
ATOM   43  N  N   . LEU A 1 8  ? -5.035  2.401  -0.076  1.00 2.66  ? 7    LEU A N   1 
ATOM   44  C  CA  . LEU A 1 8  ? -4.266  3.558  -0.473  1.00 2.76  ? 7    LEU A CA  1 
ATOM   45  C  C   . LEU A 1 8  ? -2.769  3.319  -0.309  1.00 2.55  ? 7    LEU A C   1 
ATOM   46  O  O   . LEU A 1 8  ? -1.963  3.777  -1.119  1.00 2.88  ? 7    LEU A O   1 
ATOM   47  C  CB  . LEU A 1 8  ? -4.714  4.801  0.299   1.00 2.95  ? 7    LEU A CB  1 
ATOM   48  C  CG  . LEU A 1 8  ? -6.223  5.117  0.145   1.00 3.62  ? 7    LEU A CG  1 
ATOM   49  C  CD1 . LEU A 1 8  ? -6.575  6.354  0.904   1.00 5.72  ? 7    LEU A CD1 1 
ATOM   50  C  CD2 . LEU A 1 8  ? -6.665  5.175  -1.297  1.00 8.23  ? 7    LEU A CD2 1 
HETATM 51  N  N   . DIV A 1 9  ? -2.386  2.588  0.751   1.00 2.36  ? 8    DIV A N   1 
HETATM 52  C  CA  . DIV A 1 9  ? -0.981  2.214  0.992   1.00 2.64  ? 8    DIV A CA  1 
HETATM 53  C  CB1 . DIV A 1 9  ? -0.077  3.443  1.119   1.00 3.04  ? 8    DIV A CB1 1 
HETATM 54  C  CG1 . DIV A 1 9  ? -0.668  4.479  2.044   1.00 5.76  ? 8    DIV A CG1 1 
HETATM 55  C  CB2 . DIV A 1 9  ? -0.935  1.395  2.301   1.00 2.88  ? 8    DIV A CB2 1 
HETATM 56  C  C   . DIV A 1 9  ? -0.506  1.264  -0.107  1.00 2.26  ? 8    DIV A C   1 
HETATM 57  O  O   . DIV A 1 9  ? 0.654   1.280  -0.506  1.00 2.68  ? 8    DIV A O   1 
HETATM 58  N  N   . AIB A 1 10 ? -1.387  0.346  -0.517  1.00 2.17  ? 9    AIB A N   1 
HETATM 59  C  CA  . AIB A 1 10 ? -0.977  -0.921 -1.129  1.00 2.45  ? 9    AIB A CA  1 
HETATM 60  C  C   . AIB A 1 10 ? -0.070  -0.704 -2.357  1.00 2.08  ? 9    AIB A C   1 
HETATM 61  O  O   . AIB A 1 10 ? 0.906   -1.428 -2.520  1.00 2.32  ? 9    AIB A O   1 
HETATM 62  C  CB1 . AIB A 1 10 ? -2.214  -1.697 -1.590  1.00 2.43  ? 9    AIB A CB1 1 
HETATM 63  C  CB2 . AIB A 1 10 ? -0.225  -1.728 -0.085  1.00 2.72  ? 9    AIB A CB2 1 
HETATM 64  N  N   . HYP A 1 11 ? -0.380  0.243  -3.256  1.00 2.04  ? 10   HYP A N   1 
HETATM 65  C  CA  . HYP A 1 11 ? 0.459   0.358  -4.455  1.00 2.31  ? 10   HYP A CA  1 
HETATM 66  C  C   . HYP A 1 11 ? 1.888   0.794  -4.168  1.00 2.45  ? 10   HYP A C   1 
HETATM 67  O  O   . HYP A 1 11 ? 2.710   0.717  -5.078  1.00 3.09  ? 10   HYP A O   1 
HETATM 68  C  CB  . HYP A 1 11 ? -0.264  1.416  -5.310  1.00 2.34  ? 10   HYP A CB  1 
HETATM 69  C  CG  . HYP A 1 11 ? -1.690  1.430  -4.787  1.00 2.23  ? 10   HYP A CG  1 
HETATM 70  C  CD  . HYP A 1 11 ? -1.524  1.176  -3.307  1.00 2.16  ? 10   HYP A CD  1 
HETATM 71  O  OD1 . HYP A 1 11 ? -2.469  0.352  -5.339  1.00 2.81  ? 10   HYP A OD1 1 
ATOM   72  N  N   . GLN A 1 12 ? 2.169   1.265  -2.951  1.00 2.23  ? 11   GLN A N   1 
ATOM   73  C  CA  . GLN A 1 12 ? 3.523   1.658  -2.600  1.00 2.50  ? 11   GLN A CA  1 
ATOM   74  C  C   . GLN A 1 12 ? 4.341   0.520  -2.001  1.00 2.69  ? 11   GLN A C   1 
ATOM   75  O  O   . GLN A 1 12 ? 5.562   0.657  -1.879  1.00 3.34  ? 11   GLN A O   1 
ATOM   76  C  CB  . GLN A 1 12 ? 3.516   2.851  -1.654  1.00 2.69  ? 11   GLN A CB  1 
ATOM   77  C  CG  . GLN A 1 12 ? 2.574   3.971  -2.065  1.00 2.52  ? 11   GLN A CG  1 
ATOM   78  C  CD  . GLN A 1 12 ? 2.677   4.355  -3.514  1.00 2.67  ? 11   GLN A CD  1 
ATOM   79  O  OE1 . GLN A 1 12 ? 3.784   4.438  -4.083  1.00 3.29  ? 11   GLN A OE1 1 
ATOM   80  N  NE2 . GLN A 1 12 ? 1.554   4.612  -4.169  1.00 2.79  ? 11   GLN A NE2 1 
HETATM 81  N  N   B DIV A 1 13 ? 3.691   -0.590 -1.628  0.39 2.86  ? 12   DIV A N   1 
HETATM 82  C  CA  B DIV A 1 13 ? 4.360   -1.731 -0.992  0.39 2.97  ? 12   DIV A CA  1 
HETATM 83  C  CB1 B DIV A 1 13 ? 4.767   -1.308 0.425   0.39 4.96  ? 12   DIV A CB1 1 
HETATM 84  C  CG1 B DIV A 1 13 ? 3.584   -0.915 1.284   0.39 7.65  ? 12   DIV A CG1 1 
HETATM 85  C  CB2 B DIV A 1 13 ? 3.369   -2.897 -0.911  0.39 3.60  ? 12   DIV A CB2 1 
HETATM 86  C  C   B DIV A 1 13 ? 5.573   -2.209 -1.816  0.39 2.96  ? 12   DIV A C   1 
HETATM 87  O  O   B DIV A 1 13 ? 6.569   -2.617 -1.248  0.39 3.54  ? 12   DIV A O   1 
HETATM 88  N  N   A AIB A 1 13 ? 3.691   -0.590 -1.628  0.61 2.86  ? 12   AIB A N   1 
HETATM 89  C  CA  A AIB A 1 13 ? 4.360   -1.731 -0.992  0.61 2.97  ? 12   AIB A CA  1 
HETATM 90  C  C   A AIB A 1 13 ? 5.573   -2.209 -1.816  0.61 2.96  ? 12   AIB A C   1 
HETATM 91  O  O   A AIB A 1 13 ? 6.569   -2.617 -1.248  0.61 3.54  ? 12   AIB A O   1 
HETATM 92  C  CB1 A AIB A 1 13 ? 4.839   -1.350 0.402   0.61 3.78  ? 12   AIB A CB1 1 
HETATM 93  C  CB2 A AIB A 1 13 ? 3.369   -2.897 -0.911  0.61 3.60  ? 12   AIB A CB2 1 
HETATM 94  N  N   . HYP A 1 14 ? 5.528   -2.146 -3.157  1.00 2.91  ? 13   HYP A N   1 
HETATM 95  C  CA  . HYP A 1 14 ? 6.691   -2.646 -3.898  1.00 3.43  ? 13   HYP A CA  1 
HETATM 96  C  C   . HYP A 1 14 ? 7.902   -1.723 -3.881  1.00 3.49  ? 13   HYP A C   1 
HETATM 97  O  O   . HYP A 1 14 ? 8.960   -2.173 -4.382  1.00 4.20  ? 13   HYP A O   1 
HETATM 98  C  CB  . HYP A 1 14 ? 6.185   -2.810 -5.339  1.00 3.85  ? 13   HYP A CB  1 
HETATM 99  C  CG  . HYP A 1 14 ? 4.675   -2.976 -5.171  1.00 3.68  ? 13   HYP A CG  1 
HETATM 100 C  CD  . HYP A 1 14 ? 4.374   -2.001 -4.065  1.00 3.08  ? 13   HYP A CD  1 
HETATM 101 O  OD1 . HYP A 1 14 ? 4.421   -4.314 -4.769  1.00 4.04  ? 13   HYP A OD1 1 
HETATM 102 N  N   . AIB A 1 15 ? 7.801   -0.514 -3.416  1.00 3.82  ? 14   AIB A N   1 
HETATM 103 C  CA  . AIB A 1 15 ? 8.872   0.506  -3.562  1.00 4.57  ? 14   AIB A CA  1 
HETATM 104 C  C   . AIB A 1 15 ? 10.246  -0.086 -3.147  1.00 3.79  ? 14   AIB A C   1 
HETATM 105 O  O   . AIB A 1 15 ? 11.238  0.144  -3.854  1.00 4.35  ? 14   AIB A O   1 
HETATM 106 C  CB1 . AIB A 1 15 ? 8.563   1.718  -2.698  1.00 5.80  ? 14   AIB A CB1 1 
HETATM 107 C  CB2 . AIB A 1 15 ? 8.931   0.921  -5.044  1.00 6.06  ? 14   AIB A CB2 1 
ATOM   108 N  N   . PRO A 1 16 ? 10.368  -0.760 -2.030  1.00 3.53  ? 15   PRO A N   1 
ATOM   109 C  CA  . PRO A 1 16 ? 11.697  -1.219 -1.620  1.00 3.83  ? 15   PRO A CA  1 
ATOM   110 C  C   . PRO A 1 16 ? 12.176  -2.477 -2.321  1.00 3.07  ? 15   PRO A C   1 
ATOM   111 O  O   . PRO A 1 16 ? 13.336  -2.851 -2.162  1.00 3.66  ? 15   PRO A O   1 
ATOM   112 C  CB  . PRO A 1 16 ? 11.550  -1.516 -0.129  1.00 5.94  ? 15   PRO A CB  1 
ATOM   113 C  CG  . PRO A 1 16 ? 10.222  -0.999 0.262   1.00 8.91  ? 15   PRO A CG  1 
ATOM   114 C  CD  . PRO A 1 16 ? 9.382   -0.980 -0.956  1.00 4.54  ? 15   PRO A CD  1 
HETATM 115 N  N   . PHL A 1 17 ? 11.299  -3.153 -3.032  1.00 3.45  ? 16   PHL A N   1 
HETATM 116 C  CA  . PHL A 1 17 ? 11.540  -4.468 -3.579  1.00 3.65  ? 16   PHL A CA  1 
HETATM 117 C  C   . PHL A 1 17 ? 11.843  -4.375 -5.065  1.00 4.27  ? 16   PHL A C   1 
HETATM 118 O  O   . PHL A 1 17 ? 12.444  -5.587 -5.500  1.00 4.87  ? 16   PHL A O   1 
HETATM 119 C  CB  . PHL A 1 17 ? 10.352  -5.390 -3.312  1.00 3.84  ? 16   PHL A CB  1 
HETATM 120 C  CG  . PHL A 1 17 ? 10.117  -5.624 -1.857  1.00 3.85  ? 16   PHL A CG  1 
HETATM 121 C  CD1 . PHL A 1 17 ? 9.114   -4.997 -1.176  1.00 4.95  ? 16   PHL A CD1 1 
HETATM 122 C  CD2 . PHL A 1 17 ? 10.959  -6.466 -1.185  1.00 6.57  ? 16   PHL A CD2 1 
HETATM 123 C  CE1 . PHL A 1 17 ? 9.010   -5.206 0.197   1.00 7.51  ? 16   PHL A CE1 1 
HETATM 124 C  CE2 . PHL A 1 17 ? 10.850  -6.710 0.104   1.00 9.02  ? 16   PHL A CE2 1 
HETATM 125 C  CZ  . PHL A 1 17 ? 9.908   -6.082 0.818   1.00 8.81  ? 16   PHL A CZ  1 
HETATM 126 C  C1  . EOH B 2 .  ? 7.603   -2.462 -10.062 1.00 13.26 ? 18   EOH A C1  1 
HETATM 127 C  C2  . EOH B 2 .  ? 7.777   -1.581 -11.244 1.00 8.01  ? 18   EOH A C2  1 
HETATM 128 O  O   . EOH B 2 .  ? 6.658   -1.931 -9.045  1.00 22.00 ? 18   EOH A O   1 
HETATM 129 C  C1  A EOH C 2 .  ? 16.237  -1.008 -0.924  0.57 9.37  ? 19   EOH A C1  1 
HETATM 130 C  C1  B EOH C 2 .  ? 15.482  -0.879 -0.525  0.43 16.65 ? 19   EOH A C1  1 
HETATM 131 C  C2  A EOH C 2 .  ? 14.794  -1.011 -0.659  0.57 6.55  ? 19   EOH A C2  1 
HETATM 132 C  C2  B EOH C 2 .  ? 15.568  -2.369 -0.705  0.43 15.75 ? 19   EOH A C2  1 
HETATM 133 O  O   A EOH C 2 .  ? 16.781  0.202  -0.248  0.57 7.18  ? 19   EOH A O   1 
HETATM 134 O  O   B EOH C 2 .  ? 14.964  -0.148 -1.613  0.43 17.01 ? 19   EOH A O   1 
HETATM 135 NA NA  . NA  D 3 .  ? 4.007   2.868  -6.448  0.54 5.29  ? 20   NA  A NA  1 
HETATM 136 O  O   . HOH E 4 .  ? -15.036 0.084  1.981   1.00 13.35 ? 2001 HOH A O   1 
HETATM 137 O  O   . HOH E 4 .  ? -13.585 2.586  1.764   1.00 14.76 ? 2002 HOH A O   1 
HETATM 138 O  O   . HOH E 4 .  ? -12.702 2.673  4.438   1.00 8.72  ? 2003 HOH A O   1 
HETATM 139 O  O   . HOH E 4 .  ? 8.958   -4.898 -7.650  1.00 12.22 ? 2004 HOH A O   1 
HETATM 140 O  O   . HOH E 4 .  ? 9.797   0.004  -8.440  1.00 15.42 ? 2005 HOH A O   1 
HETATM 141 O  O   . HOH E 4 .  ? 6.779   -6.087 -8.895  1.00 8.45  ? 2006 HOH A O   1 
HETATM 142 O  O   . HOH E 4 .  ? 10.439  -8.328 -8.789  1.00 9.43  ? 2007 HOH A O   1 
HETATM 143 O  O   . HOH E 4 .  ? 4.635   -5.509 -7.394  0.54 3.93  ? 2008 HOH A O   1 
HETATM 144 O  O   . HOH E 4 .  ? 4.428   -5.628 -7.402  0.46 12.93 ? 2009 HOH A O   1 
HETATM 145 O  O   . HOH E 4 .  ? 9.793   -2.363 -7.025  1.00 7.78  ? 2010 HOH A O   1 
HETATM 146 O  O   . HOH E 4 .  ? 10.324  -6.977 -6.464  1.00 4.97  ? 2011 HOH A O   1 
# 
loop_
_atom_site_anisotrop.id 
_atom_site_anisotrop.type_symbol 
_atom_site_anisotrop.pdbx_label_atom_id 
_atom_site_anisotrop.pdbx_label_alt_id 
_atom_site_anisotrop.pdbx_label_comp_id 
_atom_site_anisotrop.pdbx_label_asym_id 
_atom_site_anisotrop.pdbx_label_seq_id 
_atom_site_anisotrop.pdbx_PDB_ins_code 
_atom_site_anisotrop.U[1][1] 
_atom_site_anisotrop.U[2][2] 
_atom_site_anisotrop.U[3][3] 
_atom_site_anisotrop.U[1][2] 
_atom_site_anisotrop.U[1][3] 
_atom_site_anisotrop.U[2][3] 
_atom_site_anisotrop.pdbx_auth_seq_id 
_atom_site_anisotrop.pdbx_auth_comp_id 
_atom_site_anisotrop.pdbx_auth_asym_id 
_atom_site_anisotrop.pdbx_auth_atom_id 
1   C  C   . ACE A 1  ? 0.0447 0.0433 0.0497 0.0043  0.0150  -0.0044 0    ACE A C   
2   O  O   . ACE A 1  ? 0.0671 0.0425 0.0598 0.0076  0.0292  0.0004  0    ACE A O   
3   C  CH3 . ACE A 1  ? 0.0548 0.0483 0.0642 0.0068  0.0180  -0.0064 0    ACE A CH3 
4   N  N   . PHE A 2  ? 0.0445 0.0465 0.0481 -0.0001 0.0178  -0.0030 1    PHE A N   
5   C  CA  . PHE A 2  ? 0.0426 0.0409 0.0509 0.0005  0.0161  0.0010  1    PHE A CA  
6   C  C   . PHE A 2  ? 0.0428 0.0282 0.0468 0.0008  0.0139  0.0006  1    PHE A C   
7   O  O   . PHE A 2  ? 0.0397 0.0336 0.0595 -0.0022 0.0171  -0.0021 1    PHE A O   
8   C  CB  . PHE A 2  ? 0.0501 0.0556 0.0566 -0.0081 0.0119  0.0115  1    PHE A CB  
9   C  CG  . PHE A 2  ? 0.0875 0.0383 0.0521 0.0021  0.0243  0.0048  1    PHE A CG  
10  C  CD1 . PHE A 2  ? 0.0667 0.0679 0.1384 0.0094  0.0121  0.0407  1    PHE A CD1 
11  C  CD2 . PHE A 2  ? 0.3278 0.0402 0.0496 0.0013  -0.0137 -0.0056 1    PHE A CD2 
12  C  CE1 . PHE A 2  ? 0.1122 0.1545 0.1867 0.0623  0.0728  0.1111  1    PHE A CE1 
13  C  CE2 . PHE A 2  ? 0.5256 0.0584 0.0525 0.0912  0.0485  0.0004  1    PHE A CE2 
14  C  CZ  . PHE A 2  ? 0.3598 0.1434 0.1187 0.1598  0.1435  0.0789  1    PHE A CZ  
15  N  N   . AIB A 3  ? 0.0388 0.0386 0.0504 -0.0024 0.0181  -0.0059 2    AIB A N   
16  C  CA  . AIB A 3  ? 0.0444 0.0382 0.0528 -0.0031 0.0152  -0.0069 2    AIB A CA  
17  C  C   . AIB A 3  ? 0.0367 0.0409 0.0458 0.0012  0.0091  -0.0090 2    AIB A C   
18  O  O   . AIB A 3  ? 0.0421 0.0437 0.0490 -0.0010 0.0154  -0.0095 2    AIB A O   
19  C  CB1 . AIB A 3  ? 0.0443 0.0628 0.0650 -0.0129 0.0094  -0.0098 2    AIB A CB1 
20  C  CB2 . AIB A 3  ? 0.0596 0.0341 0.0683 -0.0042 0.0278  -0.0102 2    AIB A CB2 
21  N  N   . AIB A 4  ? 0.0459 0.0387 0.0527 -0.0007 0.0193  -0.0036 3    AIB A N   
22  C  CA  . AIB A 4  ? 0.0440 0.0431 0.0605 0.0033  0.0149  0.0067  3    AIB A CA  
23  C  C   . AIB A 4  ? 0.0498 0.0304 0.0496 0.0041  0.0203  0.0004  3    AIB A C   
24  O  O   . AIB A 4  ? 0.0514 0.0433 0.0529 0.0063  0.0227  0.0072  3    AIB A O   
25  C  CB1 . AIB A 4  ? 0.0573 0.0394 0.0749 0.0054  0.0137  0.0080  3    AIB A CB1 
26  C  CB2 . AIB A 4  ? 0.0680 0.0653 0.0533 0.0076  0.0089  0.0101  3    AIB A CB2 
27  N  N   . AIB A 5  ? 0.0426 0.0328 0.0479 -0.0024 0.0174  -0.0022 4    AIB A N   
28  C  CA  . AIB A 5  ? 0.0506 0.0329 0.0506 -0.0081 0.0186  -0.0075 4    AIB A CA  
29  C  C   . AIB A 5  ? 0.0386 0.0306 0.0377 -0.0045 0.0075  -0.0045 4    AIB A C   
30  O  O   . AIB A 5  ? 0.0400 0.0310 0.0492 -0.0062 0.0163  -0.0011 4    AIB A O   
31  C  CB1 . AIB A 5  ? 0.0607 0.0402 0.0468 -0.0117 0.0129  -0.0149 4    AIB A CB1 
32  C  CB2 . AIB A 5  ? 0.0565 0.0321 0.0710 -0.0057 0.0205  -0.0094 4    AIB A CB2 
33  N  N   . AIB A 6  ? 0.0393 0.0252 0.0376 -0.0040 0.0134  0.0002  5    AIB A N   
34  C  CA  . AIB A 6  ? 0.0376 0.0258 0.0392 0.0002  0.0120  -0.0047 5    AIB A CA  
35  C  C   . AIB A 6  ? 0.0368 0.0210 0.0395 -0.0040 0.0109  -0.0036 5    AIB A C   
36  O  O   . AIB A 6  ? 0.0403 0.0336 0.0379 -0.0033 0.0112  -0.0019 5    AIB A O   
37  C  CB1 . AIB A 6  ? 0.0460 0.0230 0.0429 -0.0056 0.0094  -0.0026 5    AIB A CB1 
38  C  CB2 . AIB A 6  ? 0.0515 0.0359 0.0399 -0.0010 0.0077  0.0002  5    AIB A CB2 
39  N  N   . GLY A 7  ? 0.0364 0.0346 0.0352 -0.0042 0.0087  -0.0021 6    GLY A N   
40  C  CA  . GLY A 7  ? 0.0387 0.0367 0.0338 -0.0099 0.0020  -0.0013 6    GLY A CA  
41  C  C   . GLY A 7  ? 0.0348 0.0330 0.0357 -0.0002 0.0022  -0.0033 6    GLY A C   
42  O  O   . GLY A 7  ? 0.0433 0.0380 0.0333 0.0001  0.0093  -0.0039 6    GLY A O   
43  N  N   . LEU A 8  ? 0.0410 0.0279 0.0322 -0.0034 0.0103  0.0008  7    LEU A N   
44  C  CA  . LEU A 8  ? 0.0417 0.0261 0.0370 -0.0010 0.0101  0.0004  7    LEU A CA  
45  C  C   . LEU A 8  ? 0.0441 0.0227 0.0301 -0.0026 0.0111  -0.0052 7    LEU A C   
46  O  O   . LEU A 8  ? 0.0451 0.0283 0.0363 -0.0062 0.0152  0.0001  7    LEU A O   
47  C  CB  . LEU A 8  ? 0.0410 0.0248 0.0463 -0.0006 0.0089  -0.0021 7    LEU A CB  
48  C  CG  . LEU A 8  ? 0.0464 0.0396 0.0515 0.0031  0.0049  0.0006  7    LEU A CG  
49  C  CD1 . LEU A 8  ? 0.0379 0.0535 0.1260 0.0088  -0.0056 -0.0453 7    LEU A CD1 
50  C  CD2 . LEU A 8  ? 0.0896 0.1683 0.0548 0.0743  -0.0007 -0.0070 7    LEU A CD2 
51  N  N   . DIV A 9  ? 0.0348 0.0243 0.0308 -0.0035 0.0090  -0.0002 8    DIV A N   
52  C  CA  . DIV A 9  ? 0.0372 0.0291 0.0341 -0.0091 0.0064  -0.0018 8    DIV A CA  
53  C  CB1 . DIV A 9  ? 0.0402 0.0317 0.0437 -0.0145 0.0074  -0.0054 8    DIV A CB1 
54  C  CG1 . DIV A 9  ? 0.0906 0.0519 0.0761 -0.0224 0.0254  -0.0150 8    DIV A CG1 
55  C  CB2 . DIV A 9  ? 0.0425 0.0347 0.0323 -0.0026 0.0045  -0.0012 8    DIV A CB2 
56  C  C   . DIV A 9  ? 0.0300 0.0274 0.0285 -0.0034 0.0051  0.0020  8    DIV A C   
57  O  O   . DIV A 9  ? 0.0328 0.0329 0.0362 -0.0052 0.0048  -0.0066 8    DIV A O   
58  N  N   . AIB A 10 ? 0.0279 0.0237 0.0309 -0.0035 0.0055  -0.0025 9    AIB A N   
59  C  CA  . AIB A 10 ? 0.0348 0.0236 0.0347 -0.0054 0.0083  -0.0031 9    AIB A CA  
60  C  C   . AIB A 10 ? 0.0265 0.0189 0.0335 -0.0068 0.0011  -0.0014 9    AIB A C   
61  O  O   . AIB A 10 ? 0.0297 0.0201 0.0383 0.0014  0.0055  -0.0025 9    AIB A O   
62  C  CB1 . AIB A 10 ? 0.0314 0.0250 0.0359 -0.0058 0.0073  -0.0070 9    AIB A CB1 
63  C  CB2 . AIB A 10 ? 0.0428 0.0262 0.0345 0.0019  0.0042  0.0005  9    AIB A CB2 
64  N  N   . HYP A 11 ? 0.0253 0.0238 0.0284 0.0001  0.0061  -0.0033 10   HYP A N   
65  C  CA  . HYP A 11 ? 0.0311 0.0254 0.0312 -0.0055 0.0063  -0.0015 10   HYP A CA  
66  C  C   . HYP A 11 ? 0.0286 0.0258 0.0386 0.0014  0.0075  0.0022  10   HYP A C   
67  O  O   . HYP A 11 ? 0.0338 0.0455 0.0382 0.0002  0.0107  0.0004  10   HYP A O   
68  C  CB  . HYP A 11 ? 0.0279 0.0288 0.0323 -0.0048 0.0031  -0.0003 10   HYP A CB  
69  C  CG  . HYP A 11 ? 0.0267 0.0264 0.0317 -0.0053 0.0002  -0.0010 10   HYP A CG  
70  C  CD  . HYP A 11 ? 0.0259 0.0225 0.0337 0.0015  0.0007  -0.0039 10   HYP A CD  
71  O  OD1 . HYP A 11 ? 0.0356 0.0360 0.0352 -0.0129 0.0044  -0.0043 10   HYP A OD1 
72  N  N   . GLN A 12 ? 0.0267 0.0255 0.0327 0.0002  0.0071  -0.0027 11   GLN A N   
73  C  CA  . GLN A 12 ? 0.0256 0.0301 0.0395 -0.0011 0.0032  0.0034  11   GLN A CA  
74  C  C   . GLN A 12 ? 0.0281 0.0261 0.0481 -0.0001 0.0057  -0.0045 11   GLN A C   
75  O  O   . GLN A 12 ? 0.0289 0.0310 0.0669 -0.0021 -0.0009 -0.0002 11   GLN A O   
76  C  CB  . GLN A 12 ? 0.0312 0.0228 0.0481 -0.0045 -0.0005 -0.0005 11   GLN A CB  
77  C  CG  . GLN A 12 ? 0.0278 0.0268 0.0411 -0.0010 0.0039  -0.0020 11   GLN A CG  
78  C  CD  . GLN A 12 ? 0.0329 0.0202 0.0483 -0.0014 0.0061  -0.0030 11   GLN A CD  
79  O  OE1 . GLN A 12 ? 0.0315 0.0357 0.0579 0.0005  0.0135  0.0069  11   GLN A OE1 
80  N  NE2 . GLN A 12 ? 0.0326 0.0379 0.0354 0.0018  0.0046  0.0019  11   GLN A NE2 
81  N  N   B DIV A 13 ? 0.0296 0.0283 0.0507 0.0001  0.0014  -0.0027 12   DIV A N   
82  C  CA  B DIV A 13 ? 0.0332 0.0317 0.0480 -0.0002 -0.0011 0.0051  12   DIV A CA  
83  C  CB1 B DIV A 13 ? 0.1059 0.0319 0.0505 0.0142  -0.0138 -0.0052 12   DIV A CB1 
84  C  CG1 B DIV A 13 ? 0.0711 0.1645 0.0549 -0.0308 0.0014  -0.0120 12   DIV A CG1 
85  C  CB2 B DIV A 13 ? 0.0360 0.0350 0.0657 -0.0009 -0.0011 0.0133  12   DIV A CB2 
86  C  C   B DIV A 13 ? 0.0328 0.0254 0.0544 0.0012  0.0001  0.0040  12   DIV A C   
87  O  O   B DIV A 13 ? 0.0338 0.0425 0.0581 0.0041  -0.0021 0.0056  12   DIV A O   
88  N  N   A AIB A 13 ? 0.0296 0.0283 0.0507 0.0001  0.0014  -0.0027 12   AIB A N   
89  C  CA  A AIB A 13 ? 0.0332 0.0317 0.0480 -0.0002 -0.0011 0.0051  12   AIB A CA  
90  C  C   A AIB A 13 ? 0.0328 0.0254 0.0544 0.0012  0.0001  0.0040  12   AIB A C   
91  O  O   A AIB A 13 ? 0.0338 0.0425 0.0581 0.0041  -0.0021 0.0056  12   AIB A O   
92  C  CB1 A AIB A 13 ? 0.0299 0.0633 0.0507 -0.0108 0.0024  0.0120  12   AIB A CB1 
93  C  CB2 A AIB A 13 ? 0.0360 0.0350 0.0657 -0.0009 -0.0011 0.0133  12   AIB A CB2 
94  N  N   . HYP A 14 ? 0.0273 0.0317 0.0517 0.0043  0.0011  -0.0042 13   HYP A N   
95  C  CA  . HYP A 14 ? 0.0329 0.0419 0.0555 0.0069  0.0028  -0.0061 13   HYP A CA  
96  C  C   . HYP A 14 ? 0.0291 0.0509 0.0526 0.0054  0.0043  0.0001  13   HYP A C   
97  O  O   . HYP A 14 ? 0.0324 0.0679 0.0594 0.0076  0.0036  -0.0030 13   HYP A O   
98  C  CB  . HYP A 14 ? 0.0323 0.0582 0.0558 0.0002  0.0114  -0.0008 13   HYP A CB  
99  C  CG  . HYP A 14 ? 0.0372 0.0457 0.0570 0.0017  -0.0004 -0.0049 13   HYP A CG  
100 C  CD  . HYP A 14 ? 0.0329 0.0328 0.0513 0.0033  0.0017  0.0006  13   HYP A CD  
101 O  OD1 . HYP A 14 ? 0.0417 0.0405 0.0713 0.0038  -0.0022 -0.0091 13   HYP A OD1 
102 N  N   . AIB A 15 ? 0.0303 0.0383 0.0768 0.0010  0.0103  0.0043  14   AIB A N   
103 C  CA  . AIB A 15 ? 0.0311 0.0506 0.0920 -0.0031 0.0008  0.0165  14   AIB A CA  
104 C  C   . AIB A 15 ? 0.0323 0.0412 0.0707 -0.0013 0.0119  0.0045  14   AIB A C   
105 O  O   . AIB A 15 ? 0.0355 0.0588 0.0708 -0.0056 0.0093  0.0138  14   AIB A O   
106 C  CB1 . AIB A 15 ? 0.0358 0.0374 0.1474 -0.0046 0.0130  0.0001  14   AIB A CB1 
107 C  CB2 . AIB A 15 ? 0.0514 0.0743 0.1047 -0.0036 -0.0045 0.0436  14   AIB A CB2 
108 N  N   . PRO A 16 ? 0.0340 0.0479 0.0522 0.0008  0.0102  -0.0005 15   PRO A N   
109 C  CA  . PRO A 16 ? 0.0378 0.0504 0.0574 0.0000  0.0043  -0.0011 15   PRO A CA  
110 C  C   . PRO A 16 ? 0.0274 0.0436 0.0456 -0.0056 0.0073  0.0066  15   PRO A C   
111 O  O   . PRO A 16 ? 0.0337 0.0585 0.0470 0.0021  0.0069  0.0000  15   PRO A O   
112 C  CB  . PRO A 16 ? 0.0872 0.0877 0.0509 0.0284  -0.0021 -0.0090 15   PRO A CB  
113 C  CG  . PRO A 16 ? 0.0530 0.2248 0.0606 -0.0206 0.0093  0.0123  15   PRO A CG  
114 C  CD  . PRO A 16 ? 0.0448 0.0659 0.0617 -0.0021 0.0216  -0.0086 15   PRO A CD  
115 N  N   . PHL A 17 ? 0.0306 0.0422 0.0585 -0.0013 0.0101  0.0009  16   PHL A N   
116 C  CA  . PHL A 17 ? 0.0332 0.0457 0.0597 -0.0018 0.0108  0.0008  16   PHL A CA  
117 C  C   . PHL A 17 ? 0.0454 0.0536 0.0632 -0.0041 0.0163  -0.0070 16   PHL A C   
118 O  O   . PHL A 17 ? 0.0524 0.0611 0.0715 -0.0080 0.0207  -0.0186 16   PHL A O   
119 C  CB  . PHL A 17 ? 0.0401 0.0410 0.0648 -0.0043 0.0125  -0.0010 16   PHL A CB  
120 C  CG  . PHL A 17 ? 0.0451 0.0364 0.0646 -0.0085 0.0042  0.0076  16   PHL A CG  
121 C  CD1 . PHL A 17 ? 0.0517 0.0649 0.0712 -0.0090 0.0194  0.0056  16   PHL A CD1 
122 C  CD2 . PHL A 17 ? 0.0761 0.0668 0.1068 0.0019  0.0022  0.0368  16   PHL A CD2 
123 C  CE1 . PHL A 17 ? 0.1230 0.0856 0.0766 -0.0264 0.0293  -0.0170 16   PHL A CE1 
124 C  CE2 . PHL A 17 ? 0.1247 0.1081 0.1101 -0.0143 -0.0252 0.0598  16   PHL A CE2 
125 C  CZ  . PHL A 17 ? 0.1647 0.1067 0.0633 -0.0571 -0.0147 0.0292  16   PHL A CZ  
126 C  C1  . EOH B .  ? 0.2169 0.1727 0.1144 0.0582  -0.0003 0.0442  18   EOH A C1  
127 C  C2  . EOH B .  ? 0.1062 0.0888 0.1095 -0.0081 -0.0177 0.0075  18   EOH A C2  
128 O  O   . EOH B .  ? 0.1631 0.5277 0.1452 0.0837  0.0284  0.0388  18   EOH A O   
129 C  C1  A EOH C .  ? 0.0363 0.1973 0.1222 -0.0541 -0.0140 -0.0011 19   EOH A C1  
130 C  C1  B EOH C .  ? 0.0485 0.3841 0.1999 0.0858  -0.0110 -0.1048 19   EOH A C1  
131 C  C2  A EOH C .  ? 0.0194 0.1017 0.1278 0.0072  0.0021  -0.0426 19   EOH A C2  
132 C  C2  B EOH C .  ? 0.1152 0.3726 0.1105 0.0141  -0.0585 -0.0768 19   EOH A C2  
133 O  O   A EOH C .  ? 0.0701 0.1249 0.0778 -0.0295 -0.0135 0.0299  19   EOH A O   
134 O  O   B EOH C .  ? 0.1731 0.3137 0.1594 -0.0995 0.0001  -0.0484 19   EOH A O   
135 NA NA  . NA  D .  ? 0.0607 0.0754 0.0649 -0.0043 0.0018  0.0000  20   NA  A NA  
136 O  O   . HOH E .  ? 0.1797 0.1895 0.1384 0.0240  -0.0130 -0.0133 2001 HOH A O   
137 O  O   . HOH E .  ? 0.1493 0.3128 0.0989 0.0126  0.0084  0.0106  2002 HOH A O   
138 O  O   . HOH E .  ? 0.1201 0.0960 0.1154 -0.0114 0.0469  -0.0068 2003 HOH A O   
139 O  O   . HOH E .  ? 0.1472 0.0801 0.2369 -0.0060 -0.0999 0.0075  2004 HOH A O   
140 O  O   . HOH E .  ? 0.2992 0.1300 0.1568 0.0345  -0.0039 -0.0128 2005 HOH A O   
141 O  O   . HOH E .  ? 0.0769 0.1551 0.0889 0.0190  0.0032  0.0053  2006 HOH A O   
142 O  O   . HOH E .  ? 0.1399 0.1081 0.1102 0.0045  0.0049  -0.0340 2007 HOH A O   
143 O  O   . HOH E .  ? 0.0235 0.0650 0.0608 0.0000  0.0041  -0.0346 2008 HOH A O   
144 O  O   . HOH E .  ? 0.1524 0.1437 0.1952 0.0096  -0.0152 0.0558  2009 HOH A O   
145 O  O   . HOH E .  ? 0.1100 0.0909 0.0946 0.0105  0.0159  -0.0027 2010 HOH A O   
146 O  O   . HOH E .  ? 0.0572 0.0560 0.0758 -0.0143 0.0061  0.0008  2011 HOH A O   
# 
